data_9SAR
#
_entry.id   9SAR
#
_cell.length_a   1.00
_cell.length_b   1.00
_cell.length_c   1.00
_cell.angle_alpha   90.00
_cell.angle_beta   90.00
_cell.angle_gamma   90.00
#
_symmetry.space_group_name_H-M   'P 1'
#
loop_
_entity.id
_entity.type
_entity.pdbx_description
1 polymer 'RNA primer strand (27-MER)'
2 polymer 'RNA template strand (40-MER)'
3 polymer 'RNA-directed RNA polymerase nsp12'
4 polymer 'Non-structural protein 8'
5 polymer 'Non-structural protein 7'
6 non-polymer 'ZINC ION'
#
loop_
_entity_poly.entity_id
_entity_poly.type
_entity_poly.pdbx_seq_one_letter_code
_entity_poly.pdbx_strand_id
1 'polyribonucleotide' GUCAUUCUCCUAAGAAGCUAUUAAAAU P
2 'polyribonucleotide' CUAUCCCCAUGUGAUUUUAAUAGCUUCUUAGGAGAAUGAC T
3 'polypeptide(L)'
;QSFLNRVCGVSAARLTPCGTGTSTDVVYRAFDIYNDKVAGFAKFLKTNCCRFQEKDEDDNLIDSYFVVKRHTFSNYQHEE
TIYNLLKDCPAVAKHDFFKFRIDGDMVPHISRQRLTKYTMADLVYALRHFDEGNCDTLKEILVTYNCCDDDYFNKKDWYD
FVENPDILRVYANLGERVRQALLKTVQFCDAMRNAGIVGVLTLDNQDLNGNWYDFGDFIQTTPGSGVPVVDSYYSLLMPI
LTLTRALTAESHVDTDLTKPYIKWDLLKYDFTEERLKLFDRYFKYWDQTYHPNCVNCLDDRCILHCANFNVLFSTVFPPT
SFGPLVRKIFVDGVPFVVSTGYHFRELGVVHNQDVNLHSSRLSFKELLVYAADPAMHAASGNLLLDKRTTCFSVAALTNN
VAFQTVKPGNFNKDFYDFAVSKGFFKEGSSVELKHFFFAQDGNAAISDYDYYRYNLPTMCDIRQLLFVVEVVDKYFDCYD
GGCINANQVIVNNLDKSAGFPFNKWGKARLYYDSMSYEDQDALFAYTKRNVIPTITQMNLKYAISAKNRARTVAGVSICS
TMTNRQFHQKLLKSIAATRGATVVIGTSKFYGGWHNMLKTVYSDVENPHLMGWDYPKCDRAMPNMLRIMASLVLARKHTT
CCSLSHRFYRLANECAQVLSEMVMCGGSLYVKPGGTSSGDATTAYANSVFNICQAVTANVNALLSTDGNKIADKYVRNLQ
HRLYECLYRNRDVDTDFVNEFYAYLRKHFSMMILSDDAVVCFNSTYASQGLVASIKNFKSVLYYQNNVFMSEAKCWTETD
LTKGPHEFCSQHTMLVKQGDDYVYLPYPDPSRILGAGCFVDDIVKTDGTLMIERFVSLAIDAYPLTKHPNQEYADVFHLY
LQYIRKLHDELTGHMLDMYSVMLTNDNTSRYWEPEFYEAMYTPHTVLQ
;
A
4 'polypeptide(L)'
;AIASEFSSLPSYAAFATAQEAYEQAVANGDSEVVLKKLKKSLNVAKSEFDRDAAMQRKLEKMADQAMTQMYKQARSEDKR
AKVTSAMQTMLFTMLRKLDNDALNNIINNARDGCVPLNIIPLTTAAKLMVVIPDYNTYKNTCDGTTFTYASALWEIQQVV
DADSKIVQLSEISMDNSPNLAWPLIVTALRANSAVKLQ
;
B
5 'polypeptide(L)'
;SKMSDVKCTSVVLLSVLQQLRVESSSKLWAQCVQLHNDILLAKDTTEAFEKMVSLLSVLLSMQGAVDINKLCEEMLDNRA
TLQ
;
C
#
loop_
_chem_comp.id
_chem_comp.type
_chem_comp.name
_chem_comp.formula
A RNA linking ADENOSINE-5'-MONOPHOSPHATE 'C10 H14 N5 O7 P'
C RNA linking CYTIDINE-5'-MONOPHOSPHATE 'C9 H14 N3 O8 P'
G RNA linking GUANOSINE-5'-MONOPHOSPHATE 'C10 H14 N5 O8 P'
U RNA linking URIDINE-5'-MONOPHOSPHATE 'C9 H13 N2 O9 P'
ZN non-polymer 'ZINC ION' 'Zn 2'
#
# COMPACT_ATOMS: atom_id res chain seq x y z
N GLN C 1 19.99 -54.18 3.15
CA GLN C 1 20.35 -54.00 4.55
C GLN C 1 21.83 -53.63 4.67
N SER C 2 22.65 -54.21 3.79
CA SER C 2 24.08 -53.87 3.77
C SER C 2 24.28 -52.39 3.46
N PHE C 3 23.58 -51.89 2.43
CA PHE C 3 23.68 -50.47 2.09
C PHE C 3 23.17 -49.61 3.23
N LEU C 4 22.07 -50.01 3.87
CA LEU C 4 21.50 -49.21 4.95
C LEU C 4 22.46 -49.12 6.13
N ASN C 5 23.07 -50.23 6.52
CA ASN C 5 23.99 -50.18 7.66
C ASN C 5 25.29 -49.47 7.30
N ARG C 6 25.73 -49.57 6.04
CA ARG C 6 26.89 -48.77 5.62
C ARG C 6 26.57 -47.29 5.68
N VAL C 7 25.37 -46.90 5.28
CA VAL C 7 24.96 -45.49 5.39
C VAL C 7 24.90 -45.07 6.84
N CYS C 8 24.39 -45.94 7.71
CA CYS C 8 24.35 -45.64 9.14
C CYS C 8 25.75 -45.40 9.69
N GLY C 9 26.69 -46.27 9.34
CA GLY C 9 28.09 -46.04 9.71
C GLY C 9 28.28 -45.97 11.22
N VAL C 10 29.03 -44.96 11.66
CA VAL C 10 29.31 -44.79 13.08
C VAL C 10 28.29 -43.91 13.78
N SER C 11 27.49 -43.15 13.03
CA SER C 11 26.45 -42.29 13.62
C SER C 11 25.25 -43.15 13.92
N ALA C 12 25.17 -43.65 15.15
CA ALA C 12 24.13 -44.58 15.55
C ALA C 12 22.74 -43.98 15.43
N ALA C 13 21.96 -44.47 14.47
CA ALA C 13 20.60 -44.00 14.26
C ALA C 13 19.85 -45.04 13.45
N ARG C 14 18.65 -45.40 13.90
CA ARG C 14 17.81 -46.34 13.18
C ARG C 14 17.18 -45.63 11.99
N LEU C 15 17.41 -46.15 10.78
CA LEU C 15 16.96 -45.51 9.56
C LEU C 15 16.07 -46.46 8.76
N THR C 16 14.98 -45.93 8.23
CA THR C 16 14.09 -46.66 7.33
C THR C 16 14.29 -46.21 5.90
N PRO C 17 14.19 -47.12 4.94
CA PRO C 17 14.32 -46.72 3.54
C PRO C 17 13.29 -45.67 3.17
N CYS C 18 13.71 -44.70 2.37
CA CYS C 18 12.82 -43.69 1.80
C CYS C 18 12.90 -43.81 0.28
N GLY C 19 12.10 -44.71 -0.28
CA GLY C 19 12.18 -44.99 -1.70
C GLY C 19 11.87 -46.45 -1.98
N THR C 20 12.49 -46.98 -3.03
CA THR C 20 12.31 -48.36 -3.45
C THR C 20 13.64 -49.10 -3.24
N GLY C 21 13.80 -49.67 -2.06
CA GLY C 21 15.01 -50.44 -1.77
C GLY C 21 16.26 -49.59 -1.88
N THR C 22 17.27 -50.11 -2.56
CA THR C 22 18.53 -49.42 -2.77
C THR C 22 18.52 -48.86 -4.20
N SER C 23 17.98 -47.66 -4.35
CA SER C 23 17.90 -46.99 -5.63
C SER C 23 18.02 -45.49 -5.39
N THR C 24 17.65 -44.69 -6.38
CA THR C 24 17.67 -43.24 -6.27
C THR C 24 16.25 -42.71 -6.33
N ASP C 25 15.88 -41.90 -5.35
CA ASP C 25 14.54 -41.32 -5.30
C ASP C 25 14.39 -40.19 -6.31
N VAL C 26 13.15 -39.94 -6.70
CA VAL C 26 12.81 -38.86 -7.63
C VAL C 26 11.87 -37.91 -6.90
N VAL C 27 12.40 -36.71 -6.64
CA VAL C 27 11.61 -35.67 -5.93
C VAL C 27 11.48 -34.44 -6.84
N TYR C 28 10.43 -33.64 -6.62
CA TYR C 28 10.22 -32.37 -7.38
C TYR C 28 10.46 -31.22 -6.44
N ARG C 29 11.53 -30.47 -6.68
CA ARG C 29 11.89 -29.40 -5.74
C ARG C 29 12.33 -28.17 -6.52
N ALA C 30 12.47 -27.04 -5.86
CA ALA C 30 12.84 -25.78 -6.48
C ALA C 30 14.36 -25.61 -6.47
N PHE C 31 14.88 -25.10 -7.58
CA PHE C 31 16.34 -24.95 -7.71
C PHE C 31 16.67 -23.59 -8.26
N ASP C 32 17.91 -23.13 -8.05
CA ASP C 32 18.38 -21.84 -8.64
C ASP C 32 19.63 -22.14 -9.48
N ILE C 33 19.53 -22.06 -10.81
CA ILE C 33 20.69 -22.46 -11.66
C ILE C 33 21.06 -21.33 -12.64
N TYR C 34 22.33 -21.24 -13.01
CA TYR C 34 22.77 -20.25 -14.04
C TYR C 34 23.78 -20.95 -14.95
N ASN C 35 23.39 -22.02 -15.64
CA ASN C 35 24.35 -22.65 -16.59
C ASN C 35 24.34 -21.81 -17.88
N ASP C 36 25.36 -21.97 -18.72
CA ASP C 36 25.45 -21.23 -20.01
C ASP C 36 24.25 -21.65 -20.88
N LYS C 37 23.68 -22.82 -20.59
CA LYS C 37 22.49 -23.31 -21.35
C LYS C 37 21.21 -22.80 -20.68
N VAL C 38 20.97 -23.16 -19.42
CA VAL C 38 19.72 -22.78 -18.78
C VAL C 38 20.00 -21.87 -17.60
N ALA C 39 19.11 -20.91 -17.36
CA ALA C 39 19.27 -19.96 -16.23
C ALA C 39 17.90 -19.59 -15.65
N GLY C 40 17.78 -19.56 -14.32
CA GLY C 40 16.51 -19.15 -13.69
C GLY C 40 16.25 -19.91 -12.40
N PHE C 41 15.30 -19.43 -11.60
CA PHE C 41 14.94 -20.11 -10.32
C PHE C 41 13.56 -20.75 -10.48
N ALA C 42 13.52 -22.06 -10.73
CA ALA C 42 12.24 -22.77 -10.93
C ALA C 42 12.29 -24.15 -10.28
N LYS C 43 11.27 -24.96 -10.51
CA LYS C 43 11.19 -26.32 -9.92
C LYS C 43 11.67 -27.37 -10.93
N PHE C 44 12.59 -28.24 -10.53
CA PHE C 44 13.08 -29.32 -11.44
C PHE C 44 13.05 -30.65 -10.69
N LEU C 45 13.50 -31.73 -11.33
CA LEU C 45 13.42 -33.07 -10.68
C LEU C 45 14.83 -33.51 -10.22
N LYS C 46 14.88 -34.24 -9.12
CA LYS C 46 16.17 -34.73 -8.60
C LYS C 46 16.11 -36.25 -8.58
N THR C 47 16.99 -36.92 -9.32
CA THR C 47 17.04 -38.41 -9.30
C THR C 47 18.46 -38.85 -9.03
N ASN C 48 19.27 -37.98 -8.43
CA ASN C 48 20.67 -38.30 -8.16
C ASN C 48 20.96 -38.59 -6.70
N CYS C 49 19.95 -38.57 -5.83
CA CYS C 49 20.14 -38.83 -4.40
C CYS C 49 19.16 -39.86 -3.91
N CYS C 50 19.60 -40.67 -2.95
CA CYS C 50 18.76 -41.64 -2.27
C CYS C 50 18.49 -41.14 -0.85
N ARG C 51 17.23 -41.17 -0.44
CA ARG C 51 16.89 -40.59 0.88
C ARG C 51 16.91 -41.71 1.94
N PHE C 52 17.00 -41.34 3.22
CA PHE C 52 16.97 -42.35 4.31
C PHE C 52 16.26 -41.74 5.52
N GLN C 53 14.96 -41.96 5.65
CA GLN C 53 14.21 -41.32 6.75
C GLN C 53 14.79 -41.82 8.07
N GLU C 54 14.81 -40.97 9.10
CA GLU C 54 15.43 -41.34 10.40
C GLU C 54 14.37 -41.37 11.51
N LYS C 55 14.49 -42.33 12.44
CA LYS C 55 13.59 -42.42 13.57
C LYS C 55 14.37 -42.30 14.87
N ASP C 56 13.64 -42.23 15.98
CA ASP C 56 14.19 -42.00 17.30
C ASP C 56 14.00 -43.24 18.18
N GLU C 57 14.32 -43.10 19.47
CA GLU C 57 14.15 -44.20 20.41
C GLU C 57 12.70 -44.64 20.50
N ASP C 58 11.75 -43.71 20.31
CA ASP C 58 10.33 -44.06 20.28
C ASP C 58 9.90 -44.62 18.94
N ASP C 59 10.79 -44.64 17.95
CA ASP C 59 10.57 -45.29 16.66
C ASP C 59 9.44 -44.64 15.87
N ASN C 60 9.21 -43.35 16.07
CA ASN C 60 8.33 -42.57 15.20
C ASN C 60 9.16 -41.59 14.39
N LEU C 61 8.73 -41.36 13.15
CA LEU C 61 9.55 -40.61 12.20
C LEU C 61 9.79 -39.18 12.67
N ILE C 62 11.04 -38.75 12.53
CA ILE C 62 11.42 -37.37 12.86
C ILE C 62 11.93 -36.68 11.61
N ASP C 63 12.32 -35.42 11.73
CA ASP C 63 12.67 -34.62 10.57
C ASP C 63 14.09 -34.87 10.06
N SER C 64 14.84 -35.73 10.74
CA SER C 64 16.24 -36.02 10.33
C SER C 64 16.25 -36.89 9.06
N TYR C 65 17.24 -36.71 8.18
CA TYR C 65 17.32 -37.48 6.92
C TYR C 65 18.77 -37.76 6.56
N PHE C 66 19.04 -38.91 5.93
CA PHE C 66 20.42 -39.23 5.48
C PHE C 66 20.43 -39.28 3.96
N VAL C 67 20.97 -38.25 3.30
CA VAL C 67 20.91 -38.18 1.80
C VAL C 67 22.27 -38.54 1.19
N VAL C 68 22.33 -39.59 0.35
CA VAL C 68 23.59 -40.07 -0.28
C VAL C 68 23.53 -39.70 -1.77
N LYS C 69 24.64 -39.20 -2.31
CA LYS C 69 24.67 -38.74 -3.73
C LYS C 69 25.74 -39.51 -4.51
N ARG C 70 25.32 -40.06 -5.66
CA ARG C 70 26.24 -40.84 -6.54
C ARG C 70 26.61 -40.00 -7.77
N HIS C 71 27.89 -39.72 -8.01
CA HIS C 71 28.23 -38.84 -9.16
C HIS C 71 29.63 -39.20 -9.68
N THR C 72 30.24 -38.33 -10.49
CA THR C 72 31.53 -38.69 -11.13
C THR C 72 32.60 -38.89 -10.08
N PHE C 73 33.39 -39.96 -10.22
CA PHE C 73 34.52 -40.20 -9.29
C PHE C 73 35.29 -38.90 -9.06
N SER C 74 35.35 -38.06 -10.11
CA SER C 74 36.09 -36.78 -10.02
C SER C 74 35.47 -35.89 -8.93
N ASN C 75 34.14 -35.73 -8.97
CA ASN C 75 33.42 -34.95 -7.94
C ASN C 75 33.83 -35.49 -6.56
N TYR C 76 33.81 -36.81 -6.39
CA TYR C 76 34.16 -37.44 -5.09
C TYR C 76 35.55 -36.96 -4.65
N GLN C 77 36.59 -37.35 -5.38
CA GLN C 77 37.98 -36.93 -5.04
C GLN C 77 38.02 -35.44 -4.72
N HIS C 78 37.34 -34.61 -5.52
CA HIS C 78 37.37 -33.14 -5.34
C HIS C 78 36.61 -32.79 -4.06
N GLU C 79 35.29 -32.93 -4.12
CA GLU C 79 34.51 -32.52 -2.92
C GLU C 79 35.27 -33.01 -1.69
N GLU C 80 35.79 -34.24 -1.69
CA GLU C 80 36.44 -34.71 -0.46
C GLU C 80 37.52 -33.74 -0.01
N THR C 81 38.34 -33.24 -0.95
CA THR C 81 39.35 -32.26 -0.60
C THR C 81 38.73 -30.98 -0.06
N ILE C 82 37.64 -30.53 -0.70
CA ILE C 82 37.02 -29.25 -0.27
C ILE C 82 36.44 -29.48 1.14
N TYR C 83 35.75 -30.58 1.37
CA TYR C 83 35.20 -30.85 2.68
C TYR C 83 36.30 -30.93 3.74
N ASN C 84 37.44 -31.53 3.39
CA ASN C 84 38.55 -31.59 4.33
C ASN C 84 39.03 -30.20 4.68
N LEU C 85 39.10 -29.31 3.69
CA LEU C 85 39.46 -27.92 3.99
C LEU C 85 38.43 -27.24 4.89
N LEU C 86 37.15 -27.45 4.61
CA LEU C 86 36.08 -26.78 5.33
C LEU C 86 35.46 -27.66 6.43
N LYS C 87 36.25 -28.56 7.01
CA LYS C 87 35.74 -29.46 8.04
C LYS C 87 35.31 -28.71 9.30
N ASP C 88 36.11 -27.74 9.74
CA ASP C 88 35.99 -27.21 11.09
C ASP C 88 34.78 -26.29 11.28
N CYS C 89 34.19 -25.80 10.19
CA CYS C 89 33.10 -24.84 10.32
C CYS C 89 31.87 -25.49 10.94
N PRO C 90 31.20 -24.84 11.89
CA PRO C 90 29.97 -25.41 12.46
C PRO C 90 28.74 -25.20 11.60
N ALA C 91 28.84 -24.44 10.52
CA ALA C 91 27.73 -24.24 9.60
C ALA C 91 27.73 -25.24 8.45
N VAL C 92 28.63 -26.22 8.47
CA VAL C 92 28.76 -27.22 7.41
C VAL C 92 28.22 -28.54 7.94
N ALA C 93 27.35 -29.18 7.15
CA ALA C 93 26.80 -30.46 7.53
C ALA C 93 27.88 -31.55 7.50
N LYS C 94 27.56 -32.68 8.13
CA LYS C 94 28.51 -33.78 8.22
C LYS C 94 28.48 -34.63 6.96
N HIS C 95 29.66 -34.85 6.38
CA HIS C 95 29.76 -35.72 5.18
C HIS C 95 30.60 -36.94 5.52
N ASP C 96 30.17 -38.10 5.03
CA ASP C 96 30.94 -39.36 5.22
C ASP C 96 31.22 -39.96 3.84
N PHE C 97 32.42 -39.75 3.30
CA PHE C 97 32.72 -40.22 1.92
C PHE C 97 33.02 -41.72 1.94
N PHE C 98 32.36 -42.49 1.06
CA PHE C 98 32.57 -43.96 1.00
C PHE C 98 32.20 -44.47 -0.38
N LYS C 99 32.43 -45.76 -0.64
CA LYS C 99 32.05 -46.37 -1.95
C LYS C 99 31.35 -47.70 -1.68
N PHE C 100 30.19 -47.92 -2.30
CA PHE C 100 29.42 -49.17 -2.07
C PHE C 100 28.95 -49.72 -3.42
N ARG C 101 28.66 -51.02 -3.49
CA ARG C 101 28.16 -51.63 -4.75
C ARG C 101 26.69 -52.08 -4.55
N MET C 106 32.18 -50.36 -7.57
CA MET C 106 32.68 -49.55 -6.46
C MET C 106 32.36 -48.07 -6.70
N VAL C 107 31.07 -47.77 -6.92
CA VAL C 107 30.63 -46.37 -7.22
C VAL C 107 30.81 -45.49 -5.98
N PRO C 108 31.44 -44.30 -6.09
CA PRO C 108 31.58 -43.39 -4.96
C PRO C 108 30.24 -42.98 -4.35
N HIS C 109 30.19 -42.82 -3.03
CA HIS C 109 28.95 -42.34 -2.38
C HIS C 109 29.26 -41.24 -1.37
N ILE C 110 28.72 -40.04 -1.58
CA ILE C 110 28.87 -38.90 -0.62
C ILE C 110 27.61 -38.86 0.26
N SER C 111 27.76 -39.02 1.58
CA SER C 111 26.60 -39.11 2.50
C SER C 111 26.36 -37.78 3.23
N ARG C 112 25.17 -37.19 3.12
CA ARG C 112 24.86 -35.96 3.89
C ARG C 112 23.92 -36.40 5.02
N GLN C 113 24.35 -36.27 6.27
CA GLN C 113 23.58 -36.80 7.41
C GLN C 113 22.89 -35.70 8.21
N ARG C 114 21.70 -35.99 8.75
CA ARG C 114 20.98 -35.02 9.62
C ARG C 114 20.54 -33.79 8.83
N LEU C 115 19.71 -34.00 7.81
CA LEU C 115 19.19 -32.91 6.98
C LEU C 115 17.67 -32.86 7.07
N THR C 116 17.12 -31.66 6.97
CA THR C 116 15.67 -31.51 6.96
C THR C 116 15.12 -31.94 5.60
N LYS C 117 13.79 -32.03 5.53
CA LYS C 117 13.16 -32.46 4.28
C LYS C 117 13.24 -31.38 3.22
N TYR C 118 12.94 -30.14 3.58
CA TYR C 118 12.88 -29.03 2.64
C TYR C 118 14.06 -28.10 2.85
N THR C 119 14.19 -27.14 1.93
CA THR C 119 15.29 -26.19 1.95
C THR C 119 14.77 -24.76 1.89
N MET C 120 15.70 -23.82 2.06
CA MET C 120 15.35 -22.41 1.91
C MET C 120 14.85 -22.09 0.52
N ALA C 121 15.35 -22.79 -0.50
CA ALA C 121 14.80 -22.59 -1.84
C ALA C 121 13.33 -22.96 -1.88
N ASP C 122 12.97 -24.09 -1.25
CA ASP C 122 11.57 -24.49 -1.19
C ASP C 122 10.73 -23.46 -0.47
N LEU C 123 11.21 -22.96 0.67
CA LEU C 123 10.46 -21.97 1.43
C LEU C 123 10.26 -20.67 0.62
N VAL C 124 11.36 -20.16 0.03
CA VAL C 124 11.31 -18.91 -0.70
C VAL C 124 10.39 -19.05 -1.92
N TYR C 125 10.51 -20.15 -2.66
CA TYR C 125 9.63 -20.36 -3.81
C TYR C 125 8.18 -20.47 -3.39
N ALA C 126 7.91 -21.17 -2.28
CA ALA C 126 6.53 -21.33 -1.85
C ALA C 126 5.91 -20.00 -1.46
N LEU C 127 6.67 -19.13 -0.83
CA LEU C 127 6.12 -17.83 -0.45
C LEU C 127 6.11 -16.81 -1.58
N ARG C 128 6.99 -16.95 -2.57
CA ARG C 128 7.04 -15.98 -3.67
C ARG C 128 6.26 -16.41 -4.90
N HIS C 129 5.73 -17.62 -4.93
CA HIS C 129 4.90 -18.12 -6.02
C HIS C 129 3.63 -18.75 -5.47
N PHE C 130 2.98 -18.04 -4.56
CA PHE C 130 1.86 -18.60 -3.81
C PHE C 130 0.67 -18.86 -4.73
N ASP C 131 0.07 -20.05 -4.59
CA ASP C 131 -1.19 -20.38 -5.21
C ASP C 131 -2.12 -20.93 -4.14
N GLU C 132 -3.38 -20.51 -4.18
CA GLU C 132 -4.33 -20.89 -3.13
C GLU C 132 -4.61 -22.38 -3.13
N GLY C 133 -4.58 -23.02 -4.30
CA GLY C 133 -4.85 -24.44 -4.42
C GLY C 133 -3.63 -25.32 -4.58
N ASN C 134 -2.43 -24.77 -4.52
CA ASN C 134 -1.19 -25.53 -4.70
C ASN C 134 -0.20 -25.10 -3.61
N CYS C 135 -0.67 -25.13 -2.36
CA CYS C 135 0.10 -24.68 -1.21
C CYS C 135 0.48 -25.84 -0.28
N ASP C 136 0.61 -27.04 -0.84
CA ASP C 136 0.89 -28.22 -0.02
C ASP C 136 2.24 -28.10 0.67
N THR C 137 3.26 -27.64 -0.05
CA THR C 137 4.59 -27.51 0.56
C THR C 137 4.57 -26.50 1.70
N LEU C 138 3.93 -25.35 1.50
CA LEU C 138 3.86 -24.35 2.55
C LEU C 138 3.10 -24.86 3.77
N LYS C 139 1.97 -25.55 3.54
CA LYS C 139 1.21 -26.10 4.66
C LYS C 139 2.03 -27.14 5.41
N GLU C 140 2.78 -27.98 4.69
CA GLU C 140 3.59 -28.99 5.36
C GLU C 140 4.73 -28.38 6.15
N ILE C 141 5.35 -27.31 5.62
CA ILE C 141 6.42 -26.64 6.36
C ILE C 141 5.86 -26.02 7.64
N LEU C 142 4.72 -25.35 7.53
CA LEU C 142 4.12 -24.72 8.70
C LEU C 142 3.74 -25.75 9.76
N VAL C 143 3.17 -26.88 9.35
CA VAL C 143 2.82 -27.92 10.30
C VAL C 143 4.07 -28.53 10.92
N THR C 144 5.09 -28.80 10.11
CA THR C 144 6.29 -29.45 10.62
C THR C 144 7.01 -28.60 11.65
N TYR C 145 7.15 -27.30 11.41
CA TYR C 145 7.92 -26.46 12.31
C TYR C 145 7.08 -25.81 13.40
N ASN C 146 5.90 -26.39 13.69
CA ASN C 146 5.06 -25.97 14.81
C ASN C 146 4.63 -24.52 14.72
N CYS C 147 4.51 -23.98 13.50
CA CYS C 147 3.97 -22.63 13.35
C CYS C 147 2.46 -22.60 13.51
N CYS C 148 1.78 -23.68 13.18
CA CYS C 148 0.33 -23.75 13.30
C CYS C 148 -0.09 -25.21 13.34
N ASP C 149 -1.26 -25.44 13.94
CA ASP C 149 -1.84 -26.77 13.98
C ASP C 149 -2.34 -27.17 12.60
N ASP C 150 -2.47 -28.49 12.39
CA ASP C 150 -2.99 -28.99 11.12
C ASP C 150 -4.41 -28.54 10.85
N ASP C 151 -5.16 -28.20 11.89
CA ASP C 151 -6.55 -27.77 11.73
C ASP C 151 -6.67 -26.28 11.39
N TYR C 152 -5.57 -25.54 11.40
CA TYR C 152 -5.62 -24.13 11.03
C TYR C 152 -6.03 -23.95 9.58
N PHE C 153 -5.74 -24.93 8.73
CA PHE C 153 -6.04 -24.81 7.31
C PHE C 153 -7.48 -25.15 6.97
N ASN C 154 -8.26 -25.66 7.93
CA ASN C 154 -9.68 -25.83 7.71
C ASN C 154 -10.45 -24.52 7.81
N LYS C 155 -9.84 -23.49 8.40
CA LYS C 155 -10.42 -22.16 8.43
C LYS C 155 -10.32 -21.54 7.05
N LYS C 156 -11.46 -21.30 6.40
CA LYS C 156 -11.43 -20.76 5.05
C LYS C 156 -10.87 -19.34 5.05
N ASP C 157 -10.18 -19.01 3.96
CA ASP C 157 -9.53 -17.71 3.80
C ASP C 157 -8.49 -17.47 4.89
N TRP C 158 -7.82 -18.55 5.31
CA TRP C 158 -6.73 -18.44 6.27
C TRP C 158 -5.53 -17.70 5.69
N TYR C 159 -5.41 -17.66 4.37
CA TYR C 159 -4.28 -17.05 3.68
C TYR C 159 -4.46 -15.57 3.38
N ASP C 160 -5.64 -15.00 3.60
CA ASP C 160 -5.83 -13.58 3.37
C ASP C 160 -5.08 -12.75 4.40
N PHE C 161 -4.66 -11.56 3.99
CA PHE C 161 -4.07 -10.59 4.90
C PHE C 161 -5.10 -9.62 5.47
N VAL C 162 -6.32 -9.62 4.93
CA VAL C 162 -7.37 -8.70 5.35
C VAL C 162 -8.43 -9.41 6.18
N GLU C 163 -8.94 -10.54 5.67
CA GLU C 163 -9.97 -11.28 6.39
C GLU C 163 -9.41 -12.08 7.55
N ASN C 164 -8.15 -12.52 7.47
CA ASN C 164 -7.51 -13.31 8.52
C ASN C 164 -6.16 -12.69 8.86
N PRO C 165 -6.14 -11.62 9.67
CA PRO C 165 -4.85 -11.02 10.05
C PRO C 165 -4.04 -11.82 11.05
N ASP C 166 -4.48 -13.02 11.44
CA ASP C 166 -3.66 -13.86 12.32
C ASP C 166 -2.60 -14.63 11.53
N ILE C 167 -2.77 -14.73 10.21
CA ILE C 167 -1.77 -15.36 9.37
C ILE C 167 -0.46 -14.59 9.45
N LEU C 168 -0.51 -13.31 9.83
CA LEU C 168 0.73 -12.56 10.03
C LEU C 168 1.56 -13.16 11.16
N ARG C 169 0.91 -13.46 12.29
CA ARG C 169 1.61 -14.12 13.39
C ARG C 169 2.06 -15.53 12.99
N VAL C 170 1.20 -16.25 12.28
CA VAL C 170 1.57 -17.60 11.84
C VAL C 170 2.83 -17.55 10.97
N TYR C 171 2.91 -16.59 10.05
CA TYR C 171 4.11 -16.44 9.24
C TYR C 171 5.30 -16.00 10.09
N ALA C 172 5.09 -15.05 11.01
CA ALA C 172 6.17 -14.52 11.82
C ALA C 172 6.75 -15.54 12.77
N ASN C 173 6.09 -16.70 12.93
CA ASN C 173 6.69 -17.75 13.75
C ASN C 173 7.99 -18.31 13.17
N LEU C 174 8.32 -18.01 11.91
CA LEU C 174 9.52 -18.54 11.25
C LEU C 174 10.71 -17.59 11.31
N GLY C 175 10.56 -16.44 11.99
CA GLY C 175 11.61 -15.44 11.98
C GLY C 175 12.90 -15.92 12.62
N GLU C 176 12.79 -16.64 13.74
CA GLU C 176 13.99 -17.12 14.43
C GLU C 176 14.76 -18.11 13.56
N ARG C 177 14.05 -19.01 12.88
CA ARG C 177 14.72 -19.96 11.99
C ARG C 177 15.43 -19.23 10.85
N VAL C 178 14.77 -18.23 10.27
CA VAL C 178 15.41 -17.49 9.18
C VAL C 178 16.64 -16.75 9.67
N ARG C 179 16.56 -16.17 10.88
CA ARG C 179 17.70 -15.45 11.45
C ARG C 179 18.87 -16.40 11.73
N GLN C 180 18.57 -17.60 12.24
CA GLN C 180 19.61 -18.59 12.46
C GLN C 180 20.29 -18.97 11.15
N ALA C 181 19.50 -19.13 10.08
CA ALA C 181 20.09 -19.43 8.78
C ALA C 181 20.98 -18.30 8.29
N LEU C 182 20.57 -17.04 8.53
CA LEU C 182 21.41 -15.91 8.14
C LEU C 182 22.74 -15.92 8.89
N LEU C 183 22.70 -16.17 10.20
CA LEU C 183 23.95 -16.20 10.96
C LEU C 183 24.84 -17.34 10.49
N LYS C 184 24.25 -18.50 10.18
CA LYS C 184 25.05 -19.63 9.73
C LYS C 184 25.67 -19.38 8.37
N THR C 185 24.95 -18.70 7.46
CA THR C 185 25.57 -18.40 6.18
C THR C 185 26.67 -17.35 6.30
N VAL C 186 26.54 -16.42 7.26
CA VAL C 186 27.66 -15.52 7.51
C VAL C 186 28.88 -16.30 8.00
N GLN C 187 28.67 -17.25 8.90
CA GLN C 187 29.76 -18.10 9.37
C GLN C 187 30.41 -18.85 8.20
N PHE C 188 29.59 -19.42 7.32
CA PHE C 188 30.14 -20.19 6.20
C PHE C 188 30.93 -19.29 5.26
N CYS C 189 30.44 -18.09 4.99
CA CYS C 189 31.17 -17.17 4.13
C CYS C 189 32.52 -16.81 4.74
N ASP C 190 32.55 -16.54 6.05
CA ASP C 190 33.82 -16.22 6.69
C ASP C 190 34.77 -17.41 6.64
N ALA C 191 34.25 -18.62 6.83
CA ALA C 191 35.10 -19.81 6.77
C ALA C 191 35.69 -20.00 5.38
N MET C 192 34.88 -19.88 4.34
CA MET C 192 35.40 -19.96 2.95
C MET C 192 36.49 -18.88 2.75
N ARG C 193 36.21 -17.65 3.18
CA ARG C 193 37.20 -16.59 2.97
C ARG C 193 38.53 -16.97 3.62
N ASN C 194 38.48 -17.49 4.85
CA ASN C 194 39.71 -17.89 5.52
C ASN C 194 40.41 -19.04 4.79
N ALA C 195 39.63 -20.02 4.33
CA ALA C 195 40.21 -21.21 3.67
C ALA C 195 40.85 -20.85 2.33
N GLY C 196 40.26 -19.88 1.61
CA GLY C 196 40.77 -19.52 0.28
C GLY C 196 40.05 -20.34 -0.77
N ILE C 197 38.72 -20.38 -0.71
CA ILE C 197 37.92 -21.17 -1.68
C ILE C 197 36.85 -20.24 -2.29
N VAL C 198 36.84 -20.11 -3.61
CA VAL C 198 35.80 -19.27 -4.30
C VAL C 198 34.63 -20.19 -4.70
N GLY C 199 33.41 -19.67 -4.68
CA GLY C 199 32.23 -20.48 -5.02
C GLY C 199 30.96 -19.66 -4.94
N VAL C 200 29.90 -20.10 -5.63
CA VAL C 200 28.60 -19.35 -5.65
C VAL C 200 27.66 -19.95 -4.59
N LEU C 201 27.03 -19.10 -3.78
CA LEU C 201 26.11 -19.58 -2.76
C LEU C 201 24.68 -19.46 -3.29
N THR C 202 23.93 -20.56 -3.24
CA THR C 202 22.55 -20.59 -3.68
C THR C 202 21.67 -21.13 -2.55
N LEU C 203 20.39 -20.75 -2.61
CA LEU C 203 19.46 -21.14 -1.56
C LEU C 203 19.30 -22.65 -1.46
N ASP C 204 19.21 -23.33 -2.61
CA ASP C 204 18.90 -24.75 -2.64
C ASP C 204 20.00 -25.63 -2.05
N ASN C 205 21.19 -25.08 -1.79
CA ASN C 205 22.26 -25.82 -1.16
C ASN C 205 22.35 -25.55 0.34
N GLN C 206 21.26 -25.12 0.96
CA GLN C 206 21.24 -24.82 2.39
C GLN C 206 20.01 -25.45 3.02
N ASP C 207 20.19 -26.04 4.19
CA ASP C 207 19.10 -26.67 4.92
C ASP C 207 18.36 -25.64 5.77
N LEU C 208 17.14 -25.98 6.18
CA LEU C 208 16.37 -25.09 7.03
C LEU C 208 16.97 -24.93 8.43
N ASN C 209 17.93 -25.77 8.80
CA ASN C 209 18.74 -25.53 9.99
C ASN C 209 19.94 -24.63 9.71
N GLY C 210 20.16 -24.27 8.45
CA GLY C 210 21.27 -23.41 8.08
C GLY C 210 22.56 -24.11 7.75
N ASN C 211 22.51 -25.38 7.34
CA ASN C 211 23.71 -26.17 7.11
C ASN C 211 23.94 -26.34 5.61
N TRP C 212 25.19 -26.18 5.20
CA TRP C 212 25.54 -26.22 3.75
C TRP C 212 26.02 -27.60 3.33
N TYR C 213 25.67 -28.04 2.10
CA TYR C 213 26.00 -29.45 1.73
C TYR C 213 26.62 -29.66 0.32
N ASP C 214 26.60 -28.70 -0.62
CA ASP C 214 27.14 -29.02 -1.98
C ASP C 214 28.50 -28.35 -2.16
N PHE C 215 29.46 -29.02 -2.80
CA PHE C 215 30.83 -28.47 -2.89
C PHE C 215 31.46 -28.76 -4.22
N GLY C 216 30.68 -29.27 -5.17
CA GLY C 216 31.25 -29.68 -6.46
C GLY C 216 31.87 -28.52 -7.23
N ASP C 217 31.28 -27.34 -7.16
CA ASP C 217 31.76 -26.22 -8.02
C ASP C 217 32.52 -25.16 -7.21
N PHE C 218 33.26 -25.56 -6.18
CA PHE C 218 34.06 -24.59 -5.40
C PHE C 218 35.52 -24.76 -5.81
N ILE C 219 36.10 -23.71 -6.37
CA ILE C 219 37.49 -23.72 -6.82
C ILE C 219 38.38 -23.29 -5.66
N GLN C 220 39.49 -23.98 -5.48
CA GLN C 220 40.41 -23.75 -4.37
C GLN C 220 41.53 -22.81 -4.80
N THR C 221 41.82 -21.81 -3.97
CA THR C 221 42.97 -20.91 -4.25
C THR C 221 43.84 -20.85 -3.02
N THR C 222 44.74 -19.87 -2.93
CA THR C 222 45.60 -19.71 -1.78
C THR C 222 44.79 -19.22 -0.57
N PRO C 223 45.19 -19.61 0.64
CA PRO C 223 44.47 -19.14 1.83
C PRO C 223 44.49 -17.63 1.95
N GLY C 224 43.39 -17.08 2.45
CA GLY C 224 43.27 -15.65 2.67
C GLY C 224 42.70 -14.87 1.51
N SER C 225 42.39 -15.55 0.41
CA SER C 225 41.77 -14.88 -0.77
C SER C 225 40.46 -15.59 -1.14
N GLY C 226 39.63 -15.94 -0.15
CA GLY C 226 38.35 -16.61 -0.42
C GLY C 226 37.28 -15.60 -0.82
N VAL C 227 36.51 -15.90 -1.87
CA VAL C 227 35.48 -14.93 -2.37
C VAL C 227 34.13 -15.65 -2.53
N PRO C 228 33.15 -15.44 -1.62
CA PRO C 228 31.83 -16.05 -1.76
C PRO C 228 30.78 -15.12 -2.36
N VAL C 229 30.36 -15.42 -3.61
CA VAL C 229 29.29 -14.63 -4.30
C VAL C 229 27.91 -14.96 -3.70
N VAL C 230 27.21 -13.95 -3.20
CA VAL C 230 25.93 -14.19 -2.49
C VAL C 230 24.84 -13.28 -3.04
N ASP C 231 25.01 -12.72 -4.24
CA ASP C 231 24.05 -11.74 -4.75
C ASP C 231 22.67 -12.37 -4.95
N SER C 232 22.61 -13.48 -5.68
CA SER C 232 21.34 -14.13 -5.93
C SER C 232 20.71 -14.64 -4.65
N TYR C 233 21.53 -15.24 -3.77
CA TYR C 233 21.05 -15.72 -2.48
C TYR C 233 20.32 -14.62 -1.71
N TYR C 234 21.03 -13.53 -1.42
CA TYR C 234 20.44 -12.46 -0.61
C TYR C 234 19.27 -11.80 -1.33
N SER C 235 19.38 -11.54 -2.62
CA SER C 235 18.29 -10.82 -3.33
C SER C 235 17.03 -11.69 -3.35
N LEU C 236 17.15 -12.98 -3.67
CA LEU C 236 15.96 -13.83 -3.65
C LEU C 236 15.42 -14.01 -2.24
N LEU C 237 16.27 -13.93 -1.22
CA LEU C 237 15.80 -14.13 0.15
C LEU C 237 15.18 -12.88 0.76
N MET C 238 15.54 -11.71 0.26
CA MET C 238 15.10 -10.43 0.88
C MET C 238 13.60 -10.34 1.15
N PRO C 239 12.66 -10.61 0.21
CA PRO C 239 11.24 -10.38 0.52
C PRO C 239 10.73 -11.16 1.72
N ILE C 240 11.32 -12.32 2.02
CA ILE C 240 10.84 -13.15 3.11
C ILE C 240 11.21 -12.62 4.48
N LEU C 241 12.26 -11.79 4.57
CA LEU C 241 12.72 -11.31 5.87
C LEU C 241 11.64 -10.50 6.57
N THR C 242 11.08 -9.50 5.89
CA THR C 242 10.04 -8.69 6.51
C THR C 242 8.76 -9.48 6.71
N LEU C 243 8.44 -10.40 5.79
CA LEU C 243 7.22 -11.17 5.91
C LEU C 243 7.23 -12.04 7.16
N THR C 244 8.36 -12.68 7.46
CA THR C 244 8.46 -13.50 8.65
C THR C 244 8.99 -12.75 9.86
N ARG C 245 9.32 -11.47 9.72
CA ARG C 245 9.86 -10.66 10.83
C ARG C 245 11.06 -11.35 11.47
N ALA C 246 12.10 -11.52 10.65
CA ALA C 246 13.29 -12.22 11.11
C ALA C 246 14.03 -11.45 12.20
N LEU C 247 14.12 -10.13 12.05
CA LEU C 247 14.89 -9.30 12.97
C LEU C 247 14.08 -8.85 14.19
N THR C 248 13.01 -9.57 14.53
CA THR C 248 12.21 -9.18 15.68
C THR C 248 12.89 -9.51 17.00
N ALA C 249 13.94 -10.34 16.97
CA ALA C 249 14.68 -10.68 18.18
C ALA C 249 15.71 -9.63 18.55
N GLU C 250 15.99 -8.69 17.65
CA GLU C 250 17.01 -7.68 17.92
C GLU C 250 16.54 -6.61 18.90
N SER C 251 15.23 -6.48 19.11
CA SER C 251 14.72 -5.48 20.02
C SER C 251 14.91 -5.85 21.49
N HIS C 252 15.17 -7.11 21.79
CA HIS C 252 15.43 -7.54 23.17
C HIS C 252 16.90 -7.32 23.51
N VAL C 253 17.22 -7.45 24.80
CA VAL C 253 18.59 -7.32 25.27
C VAL C 253 19.36 -8.58 24.91
N ASP C 254 20.57 -8.40 24.37
CA ASP C 254 21.45 -9.48 23.95
C ASP C 254 20.81 -10.39 22.90
N THR C 255 19.80 -9.88 22.20
CA THR C 255 19.11 -10.60 21.13
C THR C 255 18.63 -11.97 21.63
N ASP C 256 17.78 -11.93 22.64
CA ASP C 256 17.24 -13.14 23.26
C ASP C 256 15.74 -12.97 23.41
N LEU C 257 14.97 -13.87 22.80
CA LEU C 257 13.52 -13.73 22.78
C LEU C 257 12.88 -13.94 24.15
N THR C 258 13.62 -14.44 25.12
CA THR C 258 13.11 -14.67 26.47
C THR C 258 13.42 -13.52 27.43
N LYS C 259 14.01 -12.45 26.94
CA LYS C 259 14.45 -11.31 27.72
C LYS C 259 13.49 -10.14 27.56
N PRO C 260 13.59 -9.12 28.41
CA PRO C 260 12.79 -7.91 28.20
C PRO C 260 13.32 -7.08 27.05
N TYR C 261 12.49 -6.13 26.62
CA TYR C 261 12.88 -5.23 25.54
C TYR C 261 13.97 -4.26 26.00
N ILE C 262 14.61 -3.63 25.02
CA ILE C 262 15.63 -2.63 25.29
C ILE C 262 14.96 -1.29 25.55
N LYS C 263 15.33 -0.64 26.65
CA LYS C 263 14.81 0.68 26.97
C LYS C 263 15.67 1.73 26.27
N TRP C 264 15.33 2.01 25.03
CA TRP C 264 15.99 3.07 24.28
C TRP C 264 15.67 4.43 24.89
N ASP C 265 16.63 5.34 24.82
CA ASP C 265 16.41 6.69 25.28
C ASP C 265 15.39 7.39 24.39
N LEU C 266 14.56 8.24 25.00
CA LEU C 266 13.53 8.92 24.23
C LEU C 266 14.10 10.05 23.38
N LEU C 267 15.20 10.65 23.81
CA LEU C 267 15.80 11.77 23.10
C LEU C 267 16.78 11.35 22.03
N LYS C 268 17.02 10.05 21.86
CA LYS C 268 17.92 9.55 20.84
C LYS C 268 17.18 9.40 19.52
N TYR C 269 17.81 9.85 18.44
CA TYR C 269 17.21 9.71 17.11
C TYR C 269 18.19 9.34 16.01
N ASP C 270 19.47 9.11 16.32
CA ASP C 270 20.46 8.99 15.24
C ASP C 270 20.49 7.58 14.65
N PHE C 271 20.86 6.59 15.45
CA PHE C 271 20.83 5.17 15.11
C PHE C 271 21.74 4.79 13.94
N THR C 272 22.66 5.67 13.55
CA THR C 272 23.55 5.35 12.42
C THR C 272 24.45 4.17 12.76
N GLU C 273 25.05 4.18 13.95
CA GLU C 273 25.92 3.09 14.35
C GLU C 273 25.16 1.79 14.52
N GLU C 274 23.92 1.86 15.03
CA GLU C 274 23.11 0.66 15.14
C GLU C 274 22.81 0.06 13.78
N ARG C 275 22.47 0.91 12.80
CA ARG C 275 22.22 0.42 11.45
C ARG C 275 23.47 -0.20 10.85
N LEU C 276 24.63 0.45 11.03
CA LEU C 276 25.87 -0.08 10.49
C LEU C 276 26.22 -1.43 11.14
N LYS C 277 26.02 -1.54 12.45
CA LYS C 277 26.30 -2.81 13.13
C LYS C 277 25.36 -3.91 12.65
N LEU C 278 24.08 -3.60 12.45
CA LEU C 278 23.16 -4.60 11.93
C LEU C 278 23.57 -5.05 10.54
N PHE C 279 23.96 -4.11 9.68
CA PHE C 279 24.39 -4.47 8.33
C PHE C 279 25.63 -5.36 8.37
N ASP C 280 26.62 -4.98 9.18
CA ASP C 280 27.84 -5.78 9.26
C ASP C 280 27.58 -7.14 9.90
N ARG C 281 26.59 -7.24 10.77
CA ARG C 281 26.30 -8.52 11.40
C ARG C 281 25.59 -9.47 10.46
N TYR C 282 24.68 -8.96 9.62
CA TYR C 282 23.87 -9.84 8.77
C TYR C 282 24.36 -9.91 7.33
N PHE C 283 24.46 -8.78 6.65
CA PHE C 283 24.90 -8.75 5.25
C PHE C 283 26.37 -8.38 5.15
N LYS C 284 27.23 -9.23 5.70
CA LYS C 284 28.64 -8.87 5.81
C LYS C 284 29.35 -8.88 4.47
N TYR C 285 28.97 -9.82 3.59
CA TYR C 285 29.67 -9.99 2.32
C TYR C 285 28.90 -9.43 1.15
N TRP C 286 27.93 -8.56 1.39
CA TRP C 286 27.27 -7.82 0.33
C TRP C 286 28.25 -6.80 -0.25
N ASP C 287 28.44 -6.84 -1.57
CA ASP C 287 29.50 -6.07 -2.19
C ASP C 287 29.20 -4.58 -2.23
N GLN C 288 27.97 -4.21 -2.60
CA GLN C 288 27.65 -2.81 -2.84
C GLN C 288 27.71 -1.99 -1.56
N THR C 289 28.16 -0.75 -1.68
CA THR C 289 28.30 0.12 -0.52
C THR C 289 26.94 0.55 0.01
N TYR C 290 26.82 0.60 1.33
CA TYR C 290 25.57 0.93 2.01
C TYR C 290 25.70 2.27 2.71
N HIS C 291 24.76 3.18 2.43
CA HIS C 291 24.70 4.48 3.09
C HIS C 291 23.53 4.49 4.05
N PRO C 292 23.75 4.56 5.36
CA PRO C 292 22.60 4.63 6.29
C PRO C 292 21.74 5.85 6.05
N ASN C 293 22.35 6.99 5.72
CA ASN C 293 21.65 8.22 5.39
C ASN C 293 21.72 8.43 3.89
N CYS C 294 20.55 8.45 3.23
CA CYS C 294 20.50 8.52 1.79
C CYS C 294 20.90 9.87 1.23
N VAL C 295 21.09 10.88 2.10
CA VAL C 295 21.58 12.17 1.64
C VAL C 295 22.98 12.05 1.06
N ASN C 296 23.69 10.97 1.37
CA ASN C 296 25.03 10.73 0.86
C ASN C 296 25.05 9.84 -0.38
N CYS C 297 23.88 9.47 -0.91
CA CYS C 297 23.83 8.60 -2.07
C CYS C 297 24.25 9.35 -3.33
N LEU C 298 24.44 8.60 -4.42
CA LEU C 298 24.97 9.15 -5.66
C LEU C 298 23.99 9.13 -6.81
N ASP C 299 22.89 8.42 -6.69
CA ASP C 299 21.96 8.29 -7.82
C ASP C 299 20.61 7.87 -7.27
N ASP C 300 19.60 7.82 -8.10
CA ASP C 300 18.31 7.28 -7.68
C ASP C 300 18.36 5.78 -7.47
N ARG C 301 19.17 5.07 -8.27
CA ARG C 301 19.35 3.64 -8.05
C ARG C 301 19.98 3.37 -6.70
N CYS C 302 21.00 4.15 -6.32
CA CYS C 302 21.62 3.98 -5.00
C CYS C 302 20.66 4.34 -3.89
N ILE C 303 19.82 5.36 -4.11
CA ILE C 303 18.82 5.73 -3.11
C ILE C 303 17.85 4.58 -2.88
N LEU C 304 17.38 3.95 -3.97
CA LEU C 304 16.52 2.78 -3.84
C LEU C 304 17.24 1.66 -3.10
N HIS C 305 18.50 1.39 -3.46
CA HIS C 305 19.25 0.29 -2.86
C HIS C 305 19.41 0.47 -1.36
N CYS C 306 19.73 1.69 -0.92
CA CYS C 306 19.95 1.92 0.51
C CYS C 306 18.64 2.02 1.29
N ALA C 307 17.61 2.63 0.69
CA ALA C 307 16.32 2.69 1.36
C ALA C 307 15.71 1.31 1.54
N ASN C 308 16.02 0.36 0.64
CA ASN C 308 15.54 -1.00 0.83
C ASN C 308 16.08 -1.62 2.11
N PHE C 309 17.36 -1.37 2.42
CA PHE C 309 17.90 -1.85 3.68
C PHE C 309 17.34 -1.07 4.86
N ASN C 310 17.09 0.23 4.67
CA ASN C 310 16.58 1.05 5.78
C ASN C 310 15.19 0.63 6.20
N VAL C 311 14.33 0.22 5.26
CA VAL C 311 12.98 -0.19 5.64
C VAL C 311 13.02 -1.42 6.53
N LEU C 312 14.07 -2.24 6.40
CA LEU C 312 14.20 -3.40 7.28
C LEU C 312 14.85 -3.03 8.60
N PHE C 313 15.89 -2.22 8.59
CA PHE C 313 16.56 -1.95 9.89
C PHE C 313 15.65 -1.06 10.73
N SER C 314 14.73 -0.29 10.13
CA SER C 314 13.93 0.64 10.90
C SER C 314 12.94 -0.02 11.85
N THR C 315 12.73 -1.33 11.72
CA THR C 315 11.78 -2.02 12.60
C THR C 315 12.36 -2.30 13.98
N VAL C 316 13.67 -2.27 14.12
CA VAL C 316 14.29 -2.51 15.42
C VAL C 316 14.04 -1.34 16.37
N PHE C 317 14.16 -0.11 15.86
CA PHE C 317 14.19 1.11 16.64
C PHE C 317 12.78 1.53 17.08
N PRO C 318 12.67 2.30 18.17
CA PRO C 318 11.34 2.64 18.68
C PRO C 318 10.60 3.55 17.72
N PRO C 319 9.26 3.51 17.72
CA PRO C 319 8.49 4.32 16.76
C PRO C 319 8.41 5.79 17.09
N THR C 320 8.83 6.23 18.28
CA THR C 320 8.74 7.63 18.65
C THR C 320 9.98 8.43 18.25
N SER C 321 10.94 7.78 17.58
CA SER C 321 12.19 8.45 17.14
C SER C 321 12.09 8.90 15.69
N PHE C 322 10.93 8.75 15.06
CA PHE C 322 10.73 9.14 13.67
C PHE C 322 9.80 10.33 13.61
N GLY C 323 10.10 11.26 12.71
CA GLY C 323 9.31 12.46 12.57
C GLY C 323 10.17 13.71 12.58
N PRO C 324 9.54 14.87 12.68
CA PRO C 324 10.29 16.13 12.69
C PRO C 324 11.22 16.23 13.90
N LEU C 325 12.37 16.84 13.69
CA LEU C 325 13.36 17.07 14.73
C LEU C 325 13.32 18.56 15.08
N VAL C 326 12.52 18.91 16.07
CA VAL C 326 12.24 20.30 16.42
C VAL C 326 13.40 20.93 17.16
N ARG C 327 13.35 22.25 17.35
CA ARG C 327 14.42 23.02 17.97
C ARG C 327 13.77 24.19 18.72
N LYS C 328 14.57 25.19 19.08
CA LYS C 328 14.05 26.39 19.82
C LYS C 328 14.74 27.66 19.33
N ILE C 329 14.06 28.40 18.44
CA ILE C 329 14.64 29.65 17.87
C ILE C 329 14.06 30.85 18.65
N PHE C 330 14.60 32.05 18.42
CA PHE C 330 14.13 33.25 19.16
C PHE C 330 13.81 34.37 18.16
N VAL C 331 12.52 34.62 17.94
CA VAL C 331 12.11 35.73 17.02
C VAL C 331 12.16 37.04 17.83
N ASP C 332 13.16 37.89 17.57
CA ASP C 332 13.29 39.18 18.27
C ASP C 332 13.11 39.01 19.77
N GLY C 333 13.71 37.94 20.32
CA GLY C 333 13.66 37.68 21.73
C GLY C 333 12.55 36.76 22.18
N VAL C 334 11.56 36.50 21.34
CA VAL C 334 10.44 35.62 21.67
C VAL C 334 10.82 34.21 21.22
N PRO C 335 10.89 33.24 22.13
CA PRO C 335 11.29 31.88 21.75
C PRO C 335 10.14 31.12 21.10
N PHE C 336 10.46 30.39 20.02
CA PHE C 336 9.44 29.58 19.30
C PHE C 336 9.91 28.13 19.23
N VAL C 337 9.06 27.23 18.77
CA VAL C 337 9.46 25.79 18.59
C VAL C 337 9.27 25.44 17.10
N VAL C 338 10.37 25.32 16.35
CA VAL C 338 10.27 25.05 14.88
C VAL C 338 10.95 23.72 14.56
N SER C 339 10.49 23.02 13.52
CA SER C 339 11.08 21.75 13.13
C SER C 339 12.25 22.01 12.20
N THR C 340 13.43 21.53 12.60
CA THR C 340 14.64 21.72 11.78
C THR C 340 14.86 20.50 10.92
N GLY C 341 15.33 19.40 11.52
CA GLY C 341 15.63 18.18 10.75
C GLY C 341 14.44 17.24 10.68
N TYR C 342 14.61 16.07 10.06
CA TYR C 342 13.52 15.06 9.96
C TYR C 342 14.13 13.66 9.96
N HIS C 343 13.52 12.73 10.69
CA HIS C 343 14.01 11.33 10.72
C HIS C 343 13.07 10.42 9.92
N PHE C 344 13.51 9.99 8.73
CA PHE C 344 12.70 9.12 7.91
C PHE C 344 12.93 7.66 8.29
N ARG C 345 11.88 6.85 8.10
CA ARG C 345 12.04 5.41 8.26
C ARG C 345 12.80 4.79 7.09
N GLU C 346 12.83 5.45 5.94
CA GLU C 346 13.46 4.94 4.75
C GLU C 346 14.67 5.74 4.28
N LEU C 347 14.86 6.97 4.76
CA LEU C 347 15.90 7.85 4.24
C LEU C 347 16.88 8.33 5.30
N GLY C 348 16.78 7.86 6.54
CA GLY C 348 17.73 8.28 7.55
C GLY C 348 17.44 9.67 8.10
N VAL C 349 18.52 10.40 8.40
CA VAL C 349 18.43 11.69 9.05
C VAL C 349 18.77 12.78 8.04
N VAL C 350 17.91 13.79 7.95
CA VAL C 350 18.09 14.92 7.04
C VAL C 350 18.07 16.20 7.87
N HIS C 351 19.06 17.06 7.66
CA HIS C 351 19.19 18.32 8.38
C HIS C 351 19.07 19.47 7.40
N ASN C 352 18.25 20.46 7.75
CA ASN C 352 18.09 21.64 6.92
C ASN C 352 19.38 22.44 6.86
N GLN C 353 19.59 23.12 5.74
CA GLN C 353 20.79 23.91 5.54
C GLN C 353 20.60 25.40 5.84
N ASP C 354 19.40 25.94 5.62
CA ASP C 354 19.11 27.34 5.90
C ASP C 354 18.38 27.42 7.23
N VAL C 355 19.15 27.37 8.32
CA VAL C 355 18.63 27.47 9.68
C VAL C 355 19.15 28.76 10.28
N ASN C 356 18.24 29.62 10.72
CA ASN C 356 18.57 30.88 11.35
C ASN C 356 17.92 30.91 12.73
N LEU C 357 18.74 31.01 13.77
CA LEU C 357 18.26 30.96 15.14
C LEU C 357 17.91 32.33 15.72
N HIS C 358 18.04 33.39 14.93
CA HIS C 358 17.74 34.73 15.41
C HIS C 358 17.13 35.51 14.25
N SER C 359 15.81 35.54 14.18
CA SER C 359 15.08 36.30 13.18
C SER C 359 14.58 37.59 13.82
N SER C 360 15.02 38.73 13.28
CA SER C 360 14.55 40.02 13.80
C SER C 360 13.04 40.15 13.61
N ARG C 361 12.54 39.75 12.45
CA ARG C 361 11.11 39.70 12.19
C ARG C 361 10.89 38.69 11.07
N LEU C 362 9.64 38.25 10.95
CA LEU C 362 9.27 37.23 9.97
C LEU C 362 8.26 37.82 9.01
N SER C 363 8.49 37.61 7.71
CA SER C 363 7.64 38.14 6.66
C SER C 363 6.57 37.11 6.29
N PHE C 364 5.90 37.33 5.16
CA PHE C 364 4.79 36.45 4.76
C PHE C 364 5.27 35.03 4.51
N LYS C 365 6.42 34.86 3.86
CA LYS C 365 6.93 33.53 3.57
C LYS C 365 7.26 32.77 4.85
N GLU C 366 7.94 33.43 5.77
CA GLU C 366 8.33 32.79 7.05
C GLU C 366 7.07 32.49 7.87
N LEU C 367 6.08 33.37 7.84
CA LEU C 367 4.81 33.11 8.53
C LEU C 367 4.10 31.91 7.94
N LEU C 368 4.07 31.80 6.61
CA LEU C 368 3.45 30.65 5.96
C LEU C 368 4.14 29.36 6.36
N VAL C 369 5.48 29.36 6.36
CA VAL C 369 6.22 28.14 6.70
C VAL C 369 5.95 27.75 8.14
N TYR C 370 6.02 28.70 9.07
CA TYR C 370 5.84 28.39 10.48
C TYR C 370 4.40 27.99 10.78
N ALA C 371 3.42 28.51 10.02
CA ALA C 371 2.05 28.10 10.24
C ALA C 371 1.77 26.72 9.67
N ALA C 372 2.42 26.35 8.57
CA ALA C 372 2.23 25.01 8.03
C ALA C 372 2.96 23.96 8.86
N ASP C 373 4.06 24.33 9.50
CA ASP C 373 4.83 23.36 10.29
C ASP C 373 4.04 22.92 11.52
N PRO C 374 3.94 21.62 11.78
CA PRO C 374 3.11 21.13 12.90
C PRO C 374 3.78 21.13 14.27
N ALA C 375 5.00 21.66 14.40
CA ALA C 375 5.69 21.61 15.68
C ALA C 375 4.93 22.38 16.75
N MET C 376 4.49 23.60 16.42
CA MET C 376 3.75 24.40 17.39
C MET C 376 2.43 23.76 17.76
N HIS C 377 1.70 23.24 16.76
CA HIS C 377 0.41 22.63 17.04
C HIS C 377 0.54 21.41 17.93
N ALA C 378 1.57 20.59 17.70
CA ALA C 378 1.75 19.41 18.54
C ALA C 378 2.26 19.78 19.93
N ALA C 379 3.14 20.78 20.02
CA ALA C 379 3.71 21.15 21.30
C ALA C 379 2.71 21.83 22.21
N SER C 380 1.77 22.59 21.64
CA SER C 380 0.80 23.29 22.48
C SER C 380 -0.38 22.43 22.89
N GLY C 381 -0.48 21.20 22.39
CA GLY C 381 -1.64 20.37 22.63
C GLY C 381 -1.50 19.47 23.85
N ASN C 382 -2.55 18.71 24.10
CA ASN C 382 -2.60 17.76 25.20
C ASN C 382 -2.29 16.36 24.69
N LEU C 383 -1.74 15.53 25.58
CA LEU C 383 -1.44 14.15 25.22
C LEU C 383 -2.73 13.40 24.90
N LEU C 384 -2.66 12.56 23.88
CA LEU C 384 -3.86 11.79 23.49
C LEU C 384 -3.56 10.30 23.53
N LEU C 385 -4.50 9.51 24.03
CA LEU C 385 -4.43 8.06 24.08
C LEU C 385 -5.74 7.55 23.48
N ASP C 386 -5.70 7.09 22.22
CA ASP C 386 -6.95 6.69 21.52
C ASP C 386 -6.97 5.20 21.24
N LYS C 387 -7.83 4.47 21.94
CA LYS C 387 -8.00 3.04 21.80
C LYS C 387 -8.96 2.67 20.68
N ARG C 388 -9.53 3.64 19.98
CA ARG C 388 -10.38 3.35 18.84
C ARG C 388 -9.58 2.92 17.62
N THR C 389 -8.29 3.20 17.59
CA THR C 389 -7.45 2.85 16.45
C THR C 389 -6.12 2.30 16.96
N THR C 390 -5.37 1.68 16.05
CA THR C 390 -4.06 1.15 16.35
C THR C 390 -2.94 2.03 15.82
N CYS C 391 -3.25 3.21 15.31
CA CYS C 391 -2.23 4.13 14.83
C CYS C 391 -1.61 4.89 16.01
N PHE C 392 -0.44 5.47 15.78
CA PHE C 392 0.20 6.29 16.84
C PHE C 392 -0.56 7.58 16.98
N SER C 393 -1.01 7.90 18.19
CA SER C 393 -1.75 9.17 18.43
C SER C 393 -0.76 10.26 18.86
N VAL C 394 -0.58 11.33 18.09
CA VAL C 394 0.48 12.33 18.45
C VAL C 394 -0.01 13.29 19.54
N ALA C 395 -1.11 14.01 19.32
CA ALA C 395 -1.63 14.86 20.42
C ALA C 395 -3.09 15.26 20.15
N ALA C 396 -3.66 16.10 21.01
CA ALA C 396 -5.03 16.54 20.84
C ALA C 396 -5.05 18.06 20.81
N LEU C 397 -5.44 18.63 19.67
CA LEU C 397 -5.36 20.07 19.49
C LEU C 397 -6.43 20.83 20.26
N THR C 398 -7.53 20.17 20.62
CA THR C 398 -8.62 20.83 21.33
C THR C 398 -8.89 20.15 22.66
N ASN C 399 -9.93 20.58 23.36
CA ASN C 399 -10.35 19.95 24.60
C ASN C 399 -11.54 19.02 24.41
N ASN C 400 -11.94 18.76 23.17
CA ASN C 400 -13.06 17.88 22.87
C ASN C 400 -12.73 17.04 21.65
N VAL C 401 -13.43 15.92 21.52
CA VAL C 401 -13.33 15.05 20.37
C VAL C 401 -14.51 15.32 19.45
N ALA C 402 -14.24 15.48 18.15
CA ALA C 402 -15.26 15.83 17.18
C ALA C 402 -15.75 14.58 16.47
N PHE C 403 -17.06 14.41 16.39
CA PHE C 403 -17.69 13.28 15.72
C PHE C 403 -18.44 13.78 14.50
N GLN C 404 -18.12 13.20 13.34
CA GLN C 404 -18.72 13.61 12.08
C GLN C 404 -19.72 12.55 11.62
N THR C 405 -20.92 12.99 11.26
CA THR C 405 -21.97 12.13 10.77
C THR C 405 -22.22 12.41 9.30
N VAL C 406 -22.79 11.43 8.60
CA VAL C 406 -23.14 11.56 7.19
C VAL C 406 -24.66 11.49 7.07
N LYS C 407 -25.24 12.49 6.43
CA LYS C 407 -26.68 12.62 6.29
C LYS C 407 -27.19 11.75 5.15
N PRO C 408 -28.49 11.46 5.12
CA PRO C 408 -29.05 10.72 3.99
C PRO C 408 -29.18 11.63 2.76
N GLY C 409 -29.41 10.99 1.62
CA GLY C 409 -29.65 11.71 0.39
C GLY C 409 -31.11 12.07 0.20
N ASN C 410 -31.34 13.13 -0.58
CA ASN C 410 -32.70 13.56 -0.84
C ASN C 410 -33.38 12.62 -1.84
N PHE C 411 -34.69 12.79 -1.98
CA PHE C 411 -35.50 11.91 -2.83
C PHE C 411 -36.27 12.76 -3.83
N ASN C 412 -36.22 12.36 -5.10
CA ASN C 412 -36.90 13.08 -6.18
C ASN C 412 -38.20 12.35 -6.50
N LYS C 413 -39.25 12.72 -5.78
CA LYS C 413 -40.52 12.03 -5.92
C LYS C 413 -41.12 12.23 -7.31
N ASP C 414 -40.94 13.41 -7.90
CA ASP C 414 -41.46 13.67 -9.24
C ASP C 414 -40.86 12.69 -10.26
N PHE C 415 -39.53 12.60 -10.28
CA PHE C 415 -38.88 11.69 -11.21
C PHE C 415 -39.24 10.24 -10.91
N TYR C 416 -39.30 9.87 -9.63
CA TYR C 416 -39.63 8.50 -9.30
C TYR C 416 -41.03 8.14 -9.76
N ASP C 417 -42.00 9.03 -9.54
CA ASP C 417 -43.37 8.73 -9.94
C ASP C 417 -43.52 8.73 -11.45
N PHE C 418 -42.79 9.61 -12.15
CA PHE C 418 -42.80 9.55 -13.61
C PHE C 418 -42.23 8.24 -14.13
N ALA C 419 -41.14 7.77 -13.52
CA ALA C 419 -40.56 6.49 -13.91
C ALA C 419 -41.53 5.35 -13.63
N VAL C 420 -42.25 5.42 -12.51
CA VAL C 420 -43.27 4.41 -12.22
C VAL C 420 -44.37 4.44 -13.29
N SER C 421 -44.80 5.64 -13.67
CA SER C 421 -45.79 5.77 -14.74
C SER C 421 -45.27 5.23 -16.06
N LYS C 422 -43.96 5.23 -16.27
CA LYS C 422 -43.36 4.76 -17.51
C LYS C 422 -42.98 3.28 -17.46
N GLY C 423 -43.50 2.53 -16.49
CA GLY C 423 -43.38 1.08 -16.49
C GLY C 423 -42.09 0.52 -15.96
N PHE C 424 -41.25 1.32 -15.31
CA PHE C 424 -40.01 0.82 -14.71
C PHE C 424 -40.27 0.35 -13.28
N PHE C 425 -39.24 -0.21 -12.67
CA PHE C 425 -39.27 -0.65 -11.27
C PHE C 425 -40.38 -1.66 -11.04
N LYS C 426 -40.66 -2.46 -12.07
CA LYS C 426 -41.69 -3.49 -12.01
C LYS C 426 -41.07 -4.77 -11.45
N GLU C 427 -41.91 -5.61 -10.85
CA GLU C 427 -41.42 -6.80 -10.15
C GLU C 427 -40.75 -7.74 -11.13
N GLY C 428 -39.55 -8.19 -10.78
CA GLY C 428 -38.77 -9.07 -11.64
C GLY C 428 -37.96 -8.38 -12.71
N SER C 429 -37.95 -7.04 -12.72
CA SER C 429 -37.20 -6.32 -13.74
C SER C 429 -35.70 -6.54 -13.58
N SER C 430 -35.02 -6.75 -14.70
CA SER C 430 -33.56 -6.84 -14.65
C SER C 430 -32.93 -5.51 -14.29
N VAL C 431 -33.67 -4.41 -14.47
CA VAL C 431 -33.20 -3.08 -14.10
C VAL C 431 -33.77 -2.76 -12.72
N GLU C 432 -32.89 -2.62 -11.73
CA GLU C 432 -33.30 -2.40 -10.35
C GLU C 432 -32.46 -1.27 -9.77
N LEU C 433 -32.84 -0.83 -8.57
CA LEU C 433 -32.14 0.24 -7.86
C LEU C 433 -31.06 -0.39 -6.98
N LYS C 434 -29.81 -0.01 -7.21
CA LYS C 434 -28.69 -0.52 -6.43
C LYS C 434 -27.82 0.56 -5.82
N HIS C 435 -27.88 1.80 -6.31
CA HIS C 435 -27.01 2.87 -5.84
C HIS C 435 -27.80 3.84 -4.98
N PHE C 436 -27.33 4.07 -3.76
CA PHE C 436 -28.01 4.93 -2.81
C PHE C 436 -26.99 5.82 -2.10
N PHE C 437 -27.50 6.79 -1.34
CA PHE C 437 -26.68 7.63 -0.48
C PHE C 437 -26.72 7.02 0.92
N PHE C 438 -25.73 6.19 1.22
CA PHE C 438 -25.67 5.54 2.51
C PHE C 438 -25.29 6.53 3.61
N ALA C 439 -25.92 6.40 4.77
CA ALA C 439 -25.67 7.27 5.91
C ALA C 439 -24.72 6.57 6.89
N GLN C 440 -23.95 7.37 7.62
CA GLN C 440 -22.94 6.79 8.54
C GLN C 440 -23.12 7.37 9.95
N ASP C 441 -22.49 6.75 10.95
CA ASP C 441 -22.60 7.22 12.35
C ASP C 441 -21.48 8.22 12.65
N GLY C 442 -21.30 8.58 13.92
CA GLY C 442 -20.24 9.51 14.30
C GLY C 442 -18.84 8.96 14.08
N ASN C 443 -18.64 7.68 14.35
CA ASN C 443 -17.30 7.08 14.35
C ASN C 443 -16.87 6.58 12.98
N ALA C 444 -17.61 6.93 11.93
CA ALA C 444 -17.28 6.44 10.59
C ALA C 444 -15.93 6.95 10.13
N ALA C 445 -15.62 8.22 10.41
CA ALA C 445 -14.36 8.80 9.95
C ALA C 445 -13.17 8.09 10.55
N ILE C 446 -13.17 7.89 11.88
CA ILE C 446 -12.04 7.22 12.51
C ILE C 446 -12.01 5.74 12.12
N SER C 447 -13.18 5.12 11.96
CA SER C 447 -13.20 3.71 11.55
C SER C 447 -12.58 3.54 10.17
N ASP C 448 -12.86 4.46 9.25
CA ASP C 448 -12.29 4.36 7.91
C ASP C 448 -10.83 4.79 7.88
N TYR C 449 -10.42 5.70 8.77
CA TYR C 449 -9.01 6.03 8.87
C TYR C 449 -8.20 4.85 9.41
N ASP C 450 -8.80 4.04 10.27
CA ASP C 450 -8.09 2.88 10.80
C ASP C 450 -7.79 1.83 9.74
N TYR C 451 -8.37 1.94 8.55
CA TYR C 451 -8.07 1.01 7.46
C TYR C 451 -6.63 1.10 6.99
N TYR C 452 -5.85 2.05 7.51
CA TYR C 452 -4.43 2.14 7.18
C TYR C 452 -3.61 1.05 7.85
N ARG C 453 -4.21 0.25 8.72
CA ARG C 453 -3.51 -0.87 9.34
C ARG C 453 -3.09 -1.91 8.32
N TYR C 454 -3.65 -1.88 7.12
CA TYR C 454 -3.28 -2.82 6.07
C TYR C 454 -1.91 -2.52 5.47
N ASN C 455 -1.28 -1.41 5.86
CA ASN C 455 0.04 -1.07 5.37
C ASN C 455 1.08 -1.74 6.25
N LEU C 456 1.77 -2.74 5.70
CA LEU C 456 2.79 -3.48 6.39
C LEU C 456 4.16 -3.17 5.79
N PRO C 457 5.20 -3.06 6.60
CA PRO C 457 6.53 -2.77 6.05
C PRO C 457 7.02 -3.88 5.13
N THR C 458 7.13 -3.57 3.84
CA THR C 458 7.50 -4.53 2.82
C THR C 458 8.89 -4.20 2.29
N MET C 459 9.76 -5.21 2.24
CA MET C 459 11.12 -5.07 1.66
C MET C 459 11.05 -5.74 0.30
N CYS C 460 11.69 -5.17 -0.71
CA CYS C 460 11.65 -5.66 -2.07
C CYS C 460 12.96 -6.31 -2.48
N ASP C 461 12.87 -7.19 -3.47
CA ASP C 461 14.05 -7.76 -4.10
C ASP C 461 14.73 -6.66 -4.91
N ILE C 462 15.85 -6.16 -4.39
CA ILE C 462 16.42 -4.92 -4.95
C ILE C 462 17.00 -5.17 -6.34
N ARG C 463 17.63 -6.32 -6.56
CA ARG C 463 18.21 -6.58 -7.87
C ARG C 463 17.15 -6.73 -8.95
N GLN C 464 15.98 -7.25 -8.59
CA GLN C 464 14.86 -7.29 -9.53
C GLN C 464 14.22 -5.93 -9.73
N LEU C 465 14.06 -5.17 -8.64
CA LEU C 465 13.45 -3.85 -8.72
C LEU C 465 14.29 -2.88 -9.54
N LEU C 466 15.62 -3.01 -9.50
CA LEU C 466 16.47 -2.09 -10.23
C LEU C 466 16.38 -2.30 -11.75
N PHE C 467 16.14 -3.53 -12.19
CA PHE C 467 15.88 -3.77 -13.61
C PHE C 467 14.44 -3.39 -13.99
N VAL C 468 13.49 -3.64 -13.07
CA VAL C 468 12.10 -3.30 -13.36
C VAL C 468 11.91 -1.80 -13.53
N VAL C 469 12.58 -1.00 -12.70
CA VAL C 469 12.44 0.45 -12.82
C VAL C 469 13.03 0.93 -14.14
N GLU C 470 14.14 0.32 -14.57
CA GLU C 470 14.73 0.70 -15.85
C GLU C 470 13.81 0.36 -17.01
N VAL C 471 13.16 -0.81 -16.97
CA VAL C 471 12.23 -1.16 -18.03
C VAL C 471 11.01 -0.23 -18.00
N VAL C 472 10.54 0.13 -16.81
CA VAL C 472 9.35 0.97 -16.69
C VAL C 472 9.62 2.37 -17.21
N ASP C 473 10.84 2.88 -16.98
CA ASP C 473 11.16 4.23 -17.44
C ASP C 473 11.09 4.36 -18.95
N LYS C 474 11.16 3.26 -19.70
CA LYS C 474 10.99 3.33 -21.15
C LYS C 474 9.57 3.75 -21.52
N TYR C 475 8.59 3.39 -20.71
CA TYR C 475 7.20 3.76 -20.97
C TYR C 475 6.96 5.26 -20.88
N PHE C 476 7.90 6.02 -20.31
CA PHE C 476 7.71 7.46 -20.09
C PHE C 476 8.78 8.30 -20.80
N ASP C 477 9.41 7.77 -21.84
CA ASP C 477 10.43 8.53 -22.57
C ASP C 477 9.86 9.33 -23.72
N CYS C 478 8.54 9.34 -23.92
CA CYS C 478 7.92 10.11 -24.98
C CYS C 478 7.26 11.38 -24.48
N TYR C 479 7.72 11.92 -23.35
CA TYR C 479 7.13 13.10 -22.74
C TYR C 479 8.21 14.15 -22.50
N ASP C 480 7.76 15.34 -22.12
CA ASP C 480 8.65 16.46 -21.84
C ASP C 480 8.39 16.97 -20.44
N GLY C 481 9.44 17.08 -19.63
CA GLY C 481 9.29 17.49 -18.25
C GLY C 481 10.31 18.53 -17.86
N GLY C 482 10.11 19.09 -16.68
CA GLY C 482 10.98 20.13 -16.17
C GLY C 482 10.22 21.03 -15.23
N CYS C 483 10.95 22.00 -14.69
CA CYS C 483 10.42 22.95 -13.71
C CYS C 483 9.99 24.23 -14.41
N ILE C 484 8.85 24.76 -14.01
CA ILE C 484 8.32 25.98 -14.58
C ILE C 484 8.31 27.07 -13.50
N ASN C 485 8.14 28.32 -13.94
CA ASN C 485 8.11 29.46 -13.05
C ASN C 485 6.72 29.63 -12.44
N ALA C 486 6.58 30.60 -11.55
CA ALA C 486 5.33 30.77 -10.82
C ALA C 486 4.21 31.33 -11.68
N ASN C 487 4.53 32.01 -12.77
CA ASN C 487 3.52 32.61 -13.62
C ASN C 487 3.02 31.69 -14.72
N GLN C 488 3.60 30.49 -14.85
CA GLN C 488 3.17 29.52 -15.84
C GLN C 488 2.31 28.42 -15.23
N VAL C 489 1.95 28.55 -13.97
CA VAL C 489 1.15 27.55 -13.27
C VAL C 489 -0.32 27.80 -13.52
N ILE C 490 -1.08 26.73 -13.74
CA ILE C 490 -2.50 26.81 -14.04
C ILE C 490 -3.26 26.13 -12.91
N VAL C 491 -4.19 26.87 -12.29
CA VAL C 491 -5.02 26.37 -11.21
C VAL C 491 -6.46 26.36 -11.69
N ASN C 492 -7.11 25.20 -11.61
CA ASN C 492 -8.45 25.07 -12.19
C ASN C 492 -9.49 25.84 -11.40
N ASN C 493 -9.70 25.45 -10.14
CA ASN C 493 -10.73 26.06 -9.30
C ASN C 493 -10.06 26.66 -8.08
N LEU C 494 -9.93 27.99 -8.07
CA LEU C 494 -9.26 28.69 -6.98
C LEU C 494 -10.07 28.68 -5.69
N ASP C 495 -11.34 28.30 -5.74
CA ASP C 495 -12.21 28.31 -4.55
C ASP C 495 -12.27 26.90 -3.95
N LYS C 496 -11.13 26.46 -3.42
CA LYS C 496 -10.99 25.18 -2.78
C LYS C 496 -10.30 25.36 -1.44
N SER C 497 -10.34 24.31 -0.62
CA SER C 497 -9.78 24.38 0.72
C SER C 497 -8.27 24.50 0.68
N ALA C 498 -7.72 25.30 1.59
CA ALA C 498 -6.28 25.47 1.72
C ALA C 498 -5.68 24.59 2.81
N GLY C 499 -6.47 23.74 3.45
CA GLY C 499 -5.96 22.82 4.43
C GLY C 499 -5.76 23.45 5.79
N PHE C 500 -5.36 22.63 6.74
CA PHE C 500 -5.14 23.05 8.12
C PHE C 500 -3.73 23.58 8.28
N PRO C 501 -3.53 24.73 8.95
CA PRO C 501 -4.54 25.58 9.57
C PRO C 501 -5.00 26.74 8.69
N PHE C 502 -4.78 26.66 7.38
CA PHE C 502 -5.08 27.77 6.49
C PHE C 502 -6.56 27.92 6.20
N ASN C 503 -7.35 26.87 6.38
CA ASN C 503 -8.77 26.94 6.05
C ASN C 503 -9.59 27.68 7.10
N LYS C 504 -8.94 28.23 8.12
CA LYS C 504 -9.64 29.06 9.10
C LYS C 504 -9.66 30.53 8.72
N TRP C 505 -9.03 30.89 7.60
CA TRP C 505 -8.91 32.29 7.19
C TRP C 505 -9.37 32.57 5.77
N GLY C 506 -9.42 31.57 4.89
CA GLY C 506 -9.87 31.80 3.54
C GLY C 506 -9.72 30.56 2.71
N LYS C 507 -10.09 30.69 1.43
CA LYS C 507 -9.95 29.61 0.47
C LYS C 507 -8.58 29.67 -0.19
N ALA C 508 -8.34 28.82 -1.18
CA ALA C 508 -7.06 28.81 -1.87
C ALA C 508 -6.86 30.04 -2.74
N ARG C 509 -7.89 30.85 -2.96
CA ARG C 509 -7.74 32.06 -3.75
C ARG C 509 -7.00 33.14 -2.96
N LEU C 510 -7.22 33.20 -1.64
CA LEU C 510 -6.64 34.27 -0.83
C LEU C 510 -5.12 34.23 -0.84
N TYR C 511 -4.53 33.04 -0.69
CA TYR C 511 -3.08 32.95 -0.60
C TYR C 511 -2.43 33.20 -1.95
N TYR C 512 -3.04 32.72 -3.03
CA TYR C 512 -2.52 32.98 -4.37
C TYR C 512 -2.57 34.47 -4.69
N ASP C 513 -3.63 35.16 -4.25
CA ASP C 513 -3.68 36.61 -4.46
C ASP C 513 -2.74 37.35 -3.52
N SER C 514 -2.46 36.77 -2.34
CA SER C 514 -1.66 37.48 -1.34
C SER C 514 -0.18 37.43 -1.66
N MET C 515 0.35 36.25 -1.96
CA MET C 515 1.78 36.12 -2.23
C MET C 515 2.04 36.29 -3.72
N SER C 516 3.06 37.08 -4.05
CA SER C 516 3.35 37.42 -5.44
C SER C 516 4.16 36.31 -6.11
N TYR C 517 4.47 36.52 -7.39
CA TYR C 517 5.29 35.56 -8.12
C TYR C 517 6.68 35.44 -7.52
N GLU C 518 7.25 36.57 -7.10
CA GLU C 518 8.57 36.54 -6.48
C GLU C 518 8.57 35.73 -5.19
N ASP C 519 7.54 35.92 -4.35
CA ASP C 519 7.46 35.17 -3.10
C ASP C 519 7.22 33.69 -3.36
N GLN C 520 6.40 33.37 -4.35
CA GLN C 520 6.19 31.96 -4.71
C GLN C 520 7.47 31.31 -5.19
N ASP C 521 8.25 32.02 -6.02
CA ASP C 521 9.53 31.51 -6.47
C ASP C 521 10.49 31.33 -5.30
N ALA C 522 10.51 32.27 -4.37
CA ALA C 522 11.37 32.14 -3.19
C ALA C 522 10.99 30.92 -2.37
N LEU C 523 9.70 30.67 -2.19
CA LEU C 523 9.27 29.49 -1.45
C LEU C 523 9.68 28.21 -2.18
N PHE C 524 9.53 28.17 -3.50
CA PHE C 524 9.95 26.99 -4.24
C PHE C 524 11.46 26.76 -4.12
N ALA C 525 12.24 27.83 -4.20
CA ALA C 525 13.69 27.69 -4.02
C ALA C 525 14.05 27.28 -2.60
N TYR C 526 13.24 27.68 -1.63
CA TYR C 526 13.44 27.22 -0.25
C TYR C 526 13.22 25.71 -0.13
N THR C 527 12.19 25.19 -0.80
CA THR C 527 11.88 23.77 -0.66
C THR C 527 12.94 22.85 -1.25
N LYS C 528 13.89 23.38 -2.02
CA LYS C 528 14.95 22.56 -2.60
C LYS C 528 16.19 22.49 -1.72
N ARG C 529 16.17 23.11 -0.54
CA ARG C 529 17.27 23.04 0.39
C ARG C 529 16.87 22.71 1.82
N ASN C 530 15.57 22.61 2.11
CA ASN C 530 15.09 22.34 3.46
C ASN C 530 13.84 21.48 3.37
N VAL C 531 13.41 20.98 4.53
CA VAL C 531 12.24 20.11 4.63
C VAL C 531 11.14 20.88 5.33
N ILE C 532 9.92 20.79 4.79
CA ILE C 532 8.76 21.47 5.38
C ILE C 532 7.67 20.43 5.63
N PRO C 533 7.61 19.82 6.82
CA PRO C 533 6.49 18.94 7.13
C PRO C 533 5.19 19.72 7.23
N THR C 534 4.10 19.09 6.81
CA THR C 534 2.79 19.73 6.78
C THR C 534 1.73 18.78 7.36
N ILE C 535 0.64 19.37 7.83
CA ILE C 535 -0.50 18.63 8.36
C ILE C 535 -1.49 18.37 7.24
N THR C 536 -2.04 17.15 7.23
CA THR C 536 -3.10 16.84 6.26
C THR C 536 -4.38 16.67 7.02
N GLN C 537 -5.50 17.08 6.45
CA GLN C 537 -6.83 16.93 7.09
C GLN C 537 -7.62 15.89 6.33
N MET C 538 -8.30 14.99 7.04
CA MET C 538 -9.10 13.94 6.45
C MET C 538 -10.56 14.35 6.45
N ASN C 539 -11.16 14.41 5.27
CA ASN C 539 -12.55 14.80 5.11
C ASN C 539 -13.37 13.64 4.59
N LEU C 540 -14.65 13.62 4.94
CA LEU C 540 -15.57 12.60 4.47
C LEU C 540 -16.17 13.02 3.13
N LYS C 541 -16.35 12.04 2.25
CA LYS C 541 -16.88 12.27 0.92
C LYS C 541 -18.35 11.83 0.89
N TYR C 542 -19.19 12.63 0.26
CA TYR C 542 -20.64 12.45 0.27
C TYR C 542 -21.08 12.16 -1.16
N ALA C 543 -21.27 10.89 -1.48
CA ALA C 543 -21.51 10.48 -2.86
C ALA C 543 -22.43 9.27 -2.89
N ILE C 544 -22.77 8.84 -4.11
CA ILE C 544 -23.66 7.71 -4.34
C ILE C 544 -22.82 6.48 -4.62
N SER C 545 -23.18 5.36 -4.01
CA SER C 545 -22.38 4.14 -4.11
C SER C 545 -23.27 2.92 -3.94
N ALA C 546 -22.73 1.77 -4.34
CA ALA C 546 -23.40 0.49 -4.17
C ALA C 546 -23.01 -0.23 -2.89
N LYS C 547 -22.09 0.33 -2.11
CA LYS C 547 -21.63 -0.27 -0.87
C LYS C 547 -21.55 0.80 0.21
N ASN C 548 -21.81 0.38 1.46
CA ASN C 548 -21.81 1.31 2.59
C ASN C 548 -20.41 1.37 3.20
N ARG C 549 -19.54 2.06 2.48
CA ARG C 549 -18.19 2.36 2.94
C ARG C 549 -18.04 3.87 3.01
N ALA C 550 -17.73 4.38 4.20
CA ALA C 550 -17.61 5.82 4.41
C ALA C 550 -16.30 6.28 3.77
N ARG C 551 -16.33 6.57 2.48
CA ARG C 551 -15.14 6.98 1.77
C ARG C 551 -14.65 8.32 2.28
N THR C 552 -13.33 8.39 2.51
CA THR C 552 -12.69 9.60 3.07
C THR C 552 -11.58 10.06 2.14
N VAL C 553 -11.34 11.37 2.06
CA VAL C 553 -10.32 11.94 1.21
C VAL C 553 -9.43 12.85 2.04
N ALA C 554 -8.21 13.05 1.54
CA ALA C 554 -7.20 13.82 2.26
C ALA C 554 -7.05 15.20 1.61
N GLY C 555 -7.21 16.26 2.41
CA GLY C 555 -7.01 17.61 1.90
C GLY C 555 -5.63 18.10 2.24
N VAL C 556 -4.69 17.94 1.30
CA VAL C 556 -3.28 18.39 1.53
C VAL C 556 -3.32 19.92 1.64
N SER C 557 -2.31 20.51 2.28
CA SER C 557 -2.25 21.93 2.53
C SER C 557 -1.73 22.69 1.30
N ILE C 558 -1.99 24.00 1.30
CA ILE C 558 -1.61 24.84 0.17
C ILE C 558 -0.09 24.92 0.03
N CYS C 559 0.64 24.91 1.16
CA CYS C 559 2.09 25.00 1.10
C CYS C 559 2.69 23.84 0.34
N SER C 560 2.11 22.65 0.46
CA SER C 560 2.54 21.50 -0.31
C SER C 560 2.01 21.52 -1.73
N THR C 561 0.73 21.87 -1.91
CA THR C 561 0.12 21.80 -3.23
C THR C 561 0.78 22.77 -4.22
N MET C 562 1.05 24.00 -3.77
CA MET C 562 1.62 25.01 -4.65
C MET C 562 3.01 24.61 -5.14
N THR C 563 3.88 24.17 -4.24
CA THR C 563 5.22 23.78 -4.61
C THR C 563 5.27 22.46 -5.36
N ASN C 564 4.30 21.56 -5.16
CA ASN C 564 4.25 20.38 -6.01
C ASN C 564 3.77 20.72 -7.41
N ARG C 565 2.84 21.68 -7.54
CA ARG C 565 2.45 22.14 -8.86
C ARG C 565 3.64 22.71 -9.60
N GLN C 566 4.36 23.64 -8.98
CA GLN C 566 5.51 24.26 -9.62
C GLN C 566 6.61 23.26 -9.98
N PHE C 567 6.48 22.00 -9.57
CA PHE C 567 7.46 20.97 -9.82
C PHE C 567 7.01 19.91 -10.83
N HIS C 568 5.71 19.60 -10.86
CA HIS C 568 5.21 18.54 -11.72
C HIS C 568 4.20 18.99 -12.78
N GLN C 569 3.86 20.28 -12.85
CA GLN C 569 2.81 20.75 -13.74
C GLN C 569 3.12 20.43 -15.19
N LYS C 570 4.36 20.68 -15.60
CA LYS C 570 4.75 20.49 -17.00
C LYS C 570 4.62 19.04 -17.43
N LEU C 571 5.20 18.12 -16.65
CA LEU C 571 5.15 16.72 -17.00
C LEU C 571 3.72 16.19 -16.98
N LEU C 572 2.93 16.58 -15.99
CA LEU C 572 1.56 16.07 -15.93
C LEU C 572 0.72 16.58 -17.10
N LYS C 573 0.90 17.84 -17.49
CA LYS C 573 0.21 18.35 -18.67
C LYS C 573 0.65 17.63 -19.94
N SER C 574 1.95 17.34 -20.07
CA SER C 574 2.43 16.61 -21.24
C SER C 574 1.81 15.22 -21.30
N ILE C 575 1.74 14.54 -20.17
CA ILE C 575 1.14 13.21 -20.13
C ILE C 575 -0.33 13.28 -20.50
N ALA C 576 -1.05 14.28 -19.99
CA ALA C 576 -2.47 14.40 -20.31
C ALA C 576 -2.68 14.81 -21.77
N ALA C 577 -1.70 15.44 -22.40
CA ALA C 577 -1.85 15.88 -23.78
C ALA C 577 -1.47 14.81 -24.80
N THR C 578 -0.54 13.91 -24.48
CA THR C 578 -0.14 12.88 -25.43
C THR C 578 -1.27 11.90 -25.71
N ARG C 579 -1.42 11.53 -26.97
CA ARG C 579 -2.44 10.58 -27.41
C ARG C 579 -1.79 9.36 -28.05
N GLY C 580 -2.37 8.19 -27.79
CA GLY C 580 -1.87 6.96 -28.37
C GLY C 580 -0.71 6.32 -27.64
N ALA C 581 -0.67 6.43 -26.31
CA ALA C 581 0.39 5.87 -25.50
C ALA C 581 -0.20 4.83 -24.54
N THR C 582 0.63 4.34 -23.61
CA THR C 582 0.16 3.37 -22.64
C THR C 582 -0.78 4.01 -21.62
N VAL C 583 -0.44 5.20 -21.15
CA VAL C 583 -1.28 5.94 -20.21
C VAL C 583 -2.32 6.73 -21.00
N VAL C 584 -3.60 6.54 -20.67
CA VAL C 584 -4.69 7.13 -21.43
C VAL C 584 -5.39 8.19 -20.61
N ILE C 585 -4.67 8.82 -19.68
CA ILE C 585 -5.22 9.93 -18.93
C ILE C 585 -5.35 11.15 -19.85
N GLY C 586 -6.56 11.70 -19.92
CA GLY C 586 -6.83 12.85 -20.77
C GLY C 586 -7.52 12.53 -22.07
N THR C 587 -7.55 11.26 -22.48
CA THR C 587 -8.22 10.87 -23.71
C THR C 587 -9.71 10.78 -23.46
N SER C 588 -10.50 11.55 -24.22
CA SER C 588 -11.96 11.59 -24.04
C SER C 588 -12.64 10.36 -24.63
N LYS C 589 -13.73 9.93 -24.02
CA LYS C 589 -14.49 8.77 -24.52
C LYS C 589 -15.49 9.26 -25.56
N PHE C 590 -15.43 10.54 -25.92
CA PHE C 590 -16.45 11.13 -26.82
C PHE C 590 -15.87 11.36 -28.19
N TYR C 591 -16.67 11.15 -29.23
CA TYR C 591 -16.24 11.31 -30.62
C TYR C 591 -15.28 10.20 -31.04
N GLY C 592 -15.63 8.96 -30.70
CA GLY C 592 -14.84 7.82 -31.10
C GLY C 592 -13.57 7.59 -30.30
N GLY C 593 -13.32 8.44 -29.30
CA GLY C 593 -12.14 8.30 -28.45
C GLY C 593 -12.13 6.95 -27.77
N TRP C 594 -13.27 6.29 -27.67
CA TRP C 594 -13.26 4.91 -27.12
C TRP C 594 -12.63 4.05 -28.20
N HIS C 595 -13.28 3.91 -29.35
CA HIS C 595 -12.75 3.06 -30.45
C HIS C 595 -11.25 3.28 -30.60
N ASN C 596 -10.80 4.52 -30.65
CA ASN C 596 -9.37 4.81 -30.89
C ASN C 596 -8.50 4.22 -29.76
N MET C 597 -8.98 4.19 -28.52
CA MET C 597 -8.23 3.55 -27.44
C MET C 597 -8.25 2.04 -27.57
N LEU C 598 -9.38 1.47 -27.94
CA LEU C 598 -9.44 -0.01 -27.98
C LEU C 598 -8.64 -0.50 -29.20
N LYS C 599 -8.66 0.21 -30.32
CA LYS C 599 -7.81 -0.19 -31.44
C LYS C 599 -6.34 -0.11 -31.07
N THR C 600 -5.93 0.90 -30.29
CA THR C 600 -4.49 1.08 -29.98
C THR C 600 -3.97 -0.05 -29.14
N VAL C 601 -4.78 -0.64 -28.25
CA VAL C 601 -4.34 -1.76 -27.36
C VAL C 601 -4.41 -3.08 -28.15
N TYR C 602 -5.43 -3.26 -28.98
CA TYR C 602 -5.53 -4.49 -29.80
C TYR C 602 -4.30 -4.52 -30.68
N SER C 603 -3.76 -3.37 -31.06
CA SER C 603 -2.45 -3.34 -31.75
C SER C 603 -2.41 -4.50 -32.75
N ASP C 604 -1.36 -5.32 -32.76
CA ASP C 604 -1.24 -6.45 -33.69
C ASP C 604 -0.75 -7.69 -32.96
N VAL C 605 -1.30 -7.94 -31.77
CA VAL C 605 -0.92 -9.15 -30.99
C VAL C 605 -1.27 -10.36 -31.86
N GLU C 606 -0.60 -11.50 -31.67
CA GLU C 606 -0.74 -12.65 -32.57
C GLU C 606 -1.92 -13.55 -32.23
N ASN C 607 -1.96 -14.12 -31.01
CA ASN C 607 -3.14 -14.90 -30.56
C ASN C 607 -3.83 -14.06 -29.47
N PRO C 608 -4.69 -13.08 -29.83
CA PRO C 608 -5.24 -12.16 -28.84
C PRO C 608 -6.31 -12.65 -27.87
N HIS C 609 -6.09 -12.49 -26.57
CA HIS C 609 -7.13 -12.78 -25.56
C HIS C 609 -7.11 -11.53 -24.68
N LEU C 610 -8.22 -11.12 -24.09
CA LEU C 610 -8.13 -9.87 -23.29
C LEU C 610 -8.23 -10.22 -21.79
N MET C 611 -7.56 -9.49 -20.91
CA MET C 611 -7.68 -9.70 -19.44
C MET C 611 -7.56 -8.35 -18.73
N GLY C 612 -7.93 -8.28 -17.47
CA GLY C 612 -7.91 -6.99 -16.74
C GLY C 612 -8.04 -7.24 -15.26
N TRP C 613 -7.93 -6.20 -14.44
CA TRP C 613 -7.94 -6.36 -12.97
C TRP C 613 -7.99 -5.00 -12.29
N ASP C 614 -8.23 -4.98 -10.97
CA ASP C 614 -8.18 -3.71 -10.18
C ASP C 614 -7.54 -4.04 -8.82
N TYR C 615 -6.98 -3.06 -8.10
CA TYR C 615 -6.25 -3.37 -6.88
C TYR C 615 -7.16 -3.30 -5.66
N PRO C 616 -7.06 -4.27 -4.74
CA PRO C 616 -7.81 -4.19 -3.47
C PRO C 616 -7.11 -3.25 -2.50
N LYS C 617 -7.78 -2.15 -2.15
CA LYS C 617 -7.25 -1.15 -1.24
C LYS C 617 -5.88 -0.64 -1.72
N CYS C 618 -5.90 -0.02 -2.89
CA CYS C 618 -4.65 0.42 -3.52
C CYS C 618 -3.93 1.46 -2.66
N ASP C 619 -4.68 2.42 -2.11
CA ASP C 619 -4.03 3.53 -1.41
C ASP C 619 -3.55 3.11 -0.03
N ARG C 620 -4.28 2.22 0.65
CA ARG C 620 -3.92 1.84 2.01
C ARG C 620 -2.76 0.85 2.05
N ALA C 621 -2.65 -0.03 1.05
CA ALA C 621 -1.68 -1.10 1.08
C ALA C 621 -0.44 -0.85 0.24
N MET C 622 -0.35 0.28 -0.44
CA MET C 622 0.75 0.51 -1.37
C MET C 622 2.06 0.67 -0.62
N PRO C 623 3.06 -0.18 -0.88
CA PRO C 623 4.32 -0.10 -0.14
C PRO C 623 5.08 1.21 -0.40
N ASN C 624 5.74 1.67 0.65
CA ASN C 624 6.48 2.93 0.57
C ASN C 624 7.66 2.84 -0.39
N MET C 625 8.25 1.65 -0.54
CA MET C 625 9.33 1.51 -1.52
C MET C 625 8.83 1.76 -2.93
N LEU C 626 7.66 1.21 -3.28
CA LEU C 626 7.09 1.46 -4.59
C LEU C 626 6.64 2.91 -4.74
N ARG C 627 6.15 3.53 -3.66
CA ARG C 627 5.79 4.95 -3.74
C ARG C 627 7.02 5.81 -4.04
N ILE C 628 8.13 5.54 -3.35
CA ILE C 628 9.36 6.28 -3.61
C ILE C 628 9.88 6.00 -5.03
N MET C 629 9.72 4.76 -5.49
CA MET C 629 10.12 4.42 -6.85
C MET C 629 9.35 5.25 -7.87
N ALA C 630 8.03 5.36 -7.69
CA ALA C 630 7.22 6.16 -8.61
C ALA C 630 7.62 7.62 -8.56
N SER C 631 7.88 8.15 -7.36
CA SER C 631 8.31 9.54 -7.25
C SER C 631 9.63 9.78 -7.98
N LEU C 632 10.59 8.86 -7.84
CA LEU C 632 11.86 9.01 -8.54
C LEU C 632 11.67 8.92 -10.05
N VAL C 633 10.81 8.02 -10.51
CA VAL C 633 10.55 7.91 -11.94
C VAL C 633 9.99 9.22 -12.48
N LEU C 634 9.02 9.81 -11.77
CA LEU C 634 8.46 11.08 -12.22
C LEU C 634 9.49 12.20 -12.17
N ALA C 635 10.37 12.18 -11.18
CA ALA C 635 11.38 13.22 -11.03
C ALA C 635 12.60 13.00 -11.92
N ARG C 636 12.64 11.92 -12.68
CA ARG C 636 13.77 11.68 -13.58
C ARG C 636 13.85 12.67 -14.74
N LYS C 637 12.81 13.48 -14.96
CA LYS C 637 12.80 14.44 -16.06
C LYS C 637 13.59 15.72 -15.76
N HIS C 638 14.17 15.85 -14.58
CA HIS C 638 14.86 17.07 -14.15
C HIS C 638 16.37 16.94 -14.25
N THR C 639 16.87 16.27 -15.28
CA THR C 639 18.31 16.09 -15.42
C THR C 639 19.05 17.39 -15.70
N THR C 640 18.36 18.42 -16.16
CA THR C 640 19.02 19.66 -16.55
C THR C 640 18.69 20.86 -15.68
N CYS C 641 17.53 20.87 -15.00
CA CYS C 641 17.14 22.03 -14.21
C CYS C 641 17.52 21.91 -12.74
N CYS C 642 17.70 20.70 -12.23
CA CYS C 642 18.01 20.49 -10.82
C CYS C 642 19.19 19.54 -10.69
N SER C 643 19.99 19.76 -9.65
CA SER C 643 21.13 18.90 -9.35
C SER C 643 20.68 17.76 -8.44
N LEU C 644 21.64 16.90 -8.07
CA LEU C 644 21.32 15.75 -7.25
C LEU C 644 20.83 16.16 -5.87
N SER C 645 21.47 17.17 -5.28
CA SER C 645 21.03 17.66 -3.97
C SER C 645 19.61 18.19 -4.03
N HIS C 646 19.29 18.99 -5.06
CA HIS C 646 17.96 19.55 -5.19
C HIS C 646 16.92 18.46 -5.40
N ARG C 647 17.24 17.47 -6.24
CA ARG C 647 16.28 16.40 -6.48
C ARG C 647 16.06 15.56 -5.23
N PHE C 648 17.12 15.31 -4.46
CA PHE C 648 16.96 14.56 -3.22
C PHE C 648 16.12 15.33 -2.21
N TYR C 649 16.35 16.64 -2.09
CA TYR C 649 15.57 17.42 -1.13
C TYR C 649 14.11 17.52 -1.57
N ARG C 650 13.85 17.60 -2.87
CA ARG C 650 12.46 17.58 -3.33
C ARG C 650 11.80 16.24 -3.03
N LEU C 651 12.53 15.13 -3.21
CA LEU C 651 11.98 13.83 -2.85
C LEU C 651 11.71 13.73 -1.36
N ALA C 652 12.62 14.26 -0.53
CA ALA C 652 12.42 14.25 0.91
C ALA C 652 11.18 15.06 1.30
N ASN C 653 10.98 16.21 0.66
CA ASN C 653 9.78 17.00 0.92
C ASN C 653 8.53 16.22 0.53
N GLU C 654 8.54 15.59 -0.65
CA GLU C 654 7.36 14.84 -1.07
C GLU C 654 7.05 13.70 -0.11
N CYS C 655 8.09 12.98 0.34
CA CYS C 655 7.86 11.91 1.32
C CYS C 655 7.30 12.46 2.62
N ALA C 656 7.96 13.48 3.19
CA ALA C 656 7.55 14.05 4.46
C ALA C 656 6.20 14.74 4.40
N GLN C 657 5.68 15.04 3.21
CA GLN C 657 4.39 15.70 3.10
C GLN C 657 3.26 14.78 2.70
N VAL C 658 3.47 13.77 1.85
CA VAL C 658 2.35 12.97 1.38
C VAL C 658 2.62 11.47 1.49
N LEU C 659 3.62 11.07 2.28
CA LEU C 659 3.86 9.64 2.48
C LEU C 659 3.63 9.21 3.91
N SER C 660 4.24 9.89 4.88
CA SER C 660 4.03 9.61 6.30
C SER C 660 4.11 10.94 7.03
N GLU C 661 2.97 11.57 7.23
CA GLU C 661 2.88 12.89 7.85
C GLU C 661 1.82 12.84 8.95
N MET C 662 1.82 13.87 9.78
CA MET C 662 0.77 13.97 10.79
C MET C 662 -0.56 14.27 10.13
N VAL C 663 -1.60 13.59 10.62
CA VAL C 663 -2.92 13.62 10.02
C VAL C 663 -3.91 14.07 11.07
N MET C 664 -4.75 15.03 10.70
CA MET C 664 -5.75 15.59 11.64
C MET C 664 -7.11 14.95 11.37
N CYS C 665 -7.70 14.34 12.39
CA CYS C 665 -9.02 13.69 12.30
C CYS C 665 -9.81 14.09 13.54
N GLY C 666 -10.68 15.08 13.41
CA GLY C 666 -11.47 15.52 14.54
C GLY C 666 -10.69 16.18 15.65
N GLY C 667 -9.76 17.07 15.32
CA GLY C 667 -9.03 17.82 16.33
C GLY C 667 -7.92 17.06 16.99
N SER C 668 -7.48 15.94 16.44
CA SER C 668 -6.40 15.15 17.00
C SER C 668 -5.44 14.75 15.89
N LEU C 669 -4.16 14.66 16.24
CA LEU C 669 -3.10 14.33 15.29
C LEU C 669 -2.72 12.86 15.43
N TYR C 670 -2.70 12.16 14.29
CA TYR C 670 -2.20 10.79 14.21
C TYR C 670 -1.20 10.72 13.07
N VAL C 671 -0.16 9.90 13.26
CA VAL C 671 0.88 9.73 12.21
C VAL C 671 0.37 8.73 11.18
N LYS C 672 0.65 8.98 9.90
CA LYS C 672 0.24 8.07 8.84
C LYS C 672 1.30 7.00 8.65
N PRO C 673 0.95 5.71 8.71
CA PRO C 673 1.96 4.67 8.48
C PRO C 673 2.58 4.73 7.10
N GLY C 674 1.81 5.10 6.09
CA GLY C 674 2.30 5.18 4.73
C GLY C 674 1.17 5.00 3.74
N GLY C 675 1.54 4.79 2.49
CA GLY C 675 0.57 4.65 1.43
C GLY C 675 0.57 5.85 0.50
N THR C 676 -0.60 6.29 0.08
CA THR C 676 -0.71 7.48 -0.75
C THR C 676 -1.91 8.31 -0.29
N SER C 677 -1.83 9.61 -0.56
CA SER C 677 -2.90 10.53 -0.22
C SER C 677 -3.71 10.87 -1.47
N SER C 678 -5.03 10.85 -1.33
CA SER C 678 -5.90 11.11 -2.47
C SER C 678 -5.98 12.58 -2.83
N GLY C 679 -5.33 13.46 -2.07
CA GLY C 679 -5.27 14.87 -2.38
C GLY C 679 -3.96 15.34 -2.99
N ASP C 680 -3.08 14.44 -3.41
CA ASP C 680 -1.82 14.84 -4.00
C ASP C 680 -2.02 15.49 -5.35
N ALA C 681 -1.01 16.22 -5.79
CA ALA C 681 -1.02 16.79 -7.13
C ALA C 681 -0.69 15.78 -8.21
N THR C 682 -0.26 14.57 -7.83
CA THR C 682 0.24 13.58 -8.77
C THR C 682 -0.31 12.19 -8.50
N THR C 683 -1.51 12.12 -7.91
CA THR C 683 -2.04 10.84 -7.44
C THR C 683 -2.23 9.85 -8.59
N ALA C 684 -2.93 10.28 -9.64
CA ALA C 684 -3.26 9.38 -10.74
C ALA C 684 -2.02 8.93 -11.48
N TYR C 685 -1.06 9.82 -11.67
CA TYR C 685 0.16 9.47 -12.41
C TYR C 685 1.04 8.53 -11.59
N ALA C 686 1.13 8.76 -10.28
CA ALA C 686 1.84 7.81 -9.43
C ALA C 686 1.18 6.44 -9.44
N ASN C 687 -0.15 6.42 -9.42
CA ASN C 687 -0.87 5.15 -9.49
C ASN C 687 -0.58 4.42 -10.80
N SER C 688 -0.52 5.17 -11.91
CA SER C 688 -0.21 4.55 -13.20
C SER C 688 1.20 3.96 -13.20
N VAL C 689 2.17 4.69 -12.64
CA VAL C 689 3.53 4.17 -12.58
C VAL C 689 3.57 2.88 -11.77
N PHE C 690 2.88 2.86 -10.63
CA PHE C 690 2.84 1.67 -9.78
C PHE C 690 2.20 0.49 -10.50
N ASN C 691 1.11 0.74 -11.24
CA ASN C 691 0.45 -0.31 -11.99
C ASN C 691 1.37 -0.90 -13.05
N ILE C 692 2.08 -0.05 -13.79
CA ILE C 692 3.01 -0.54 -14.81
C ILE C 692 4.12 -1.37 -14.17
N CYS C 693 4.63 -0.91 -13.02
CA CYS C 693 5.70 -1.64 -12.35
C CYS C 693 5.23 -3.03 -11.94
N GLN C 694 4.03 -3.14 -11.36
CA GLN C 694 3.54 -4.45 -10.94
C GLN C 694 3.34 -5.38 -12.13
N ALA C 695 2.82 -4.85 -13.24
CA ALA C 695 2.66 -5.68 -14.43
C ALA C 695 3.99 -6.18 -14.97
N VAL C 696 5.00 -5.29 -15.02
CA VAL C 696 6.32 -5.70 -15.52
C VAL C 696 6.94 -6.76 -14.61
N THR C 697 6.79 -6.59 -13.29
CA THR C 697 7.30 -7.58 -12.35
C THR C 697 6.61 -8.93 -12.56
N ALA C 698 5.30 -8.92 -12.78
CA ALA C 698 4.60 -10.17 -13.08
C ALA C 698 5.19 -10.85 -14.30
N ASN C 699 5.44 -10.08 -15.37
CA ASN C 699 6.02 -10.68 -16.57
C ASN C 699 7.40 -11.26 -16.30
N VAL C 700 8.24 -10.54 -15.56
CA VAL C 700 9.59 -11.01 -15.28
C VAL C 700 9.55 -12.32 -14.51
N ASN C 701 8.71 -12.39 -13.47
CA ASN C 701 8.59 -13.61 -12.68
C ASN C 701 8.06 -14.76 -13.50
N ALA C 702 7.05 -14.50 -14.35
CA ALA C 702 6.48 -15.55 -15.16
C ALA C 702 7.52 -16.13 -16.13
N LEU C 703 8.34 -15.26 -16.73
CA LEU C 703 9.36 -15.75 -17.64
C LEU C 703 10.44 -16.53 -16.90
N LEU C 704 10.95 -15.98 -15.79
CA LEU C 704 12.08 -16.60 -15.11
C LEU C 704 11.73 -17.88 -14.37
N SER C 705 10.47 -18.06 -13.97
CA SER C 705 10.06 -19.25 -13.24
C SER C 705 9.68 -20.41 -14.17
N THR C 706 10.14 -20.38 -15.41
CA THR C 706 9.79 -21.39 -16.41
C THR C 706 11.01 -22.26 -16.70
N ASP C 707 10.78 -23.57 -16.80
CA ASP C 707 11.85 -24.50 -17.14
C ASP C 707 12.41 -24.17 -18.52
N GLY C 708 13.67 -23.72 -18.56
CA GLY C 708 14.29 -23.32 -19.81
C GLY C 708 14.54 -24.47 -20.77
N ASN C 709 14.54 -25.70 -20.27
CA ASN C 709 14.76 -26.85 -21.14
C ASN C 709 13.55 -27.16 -22.01
N LYS C 710 12.35 -26.75 -21.59
CA LYS C 710 11.13 -27.02 -22.33
C LYS C 710 10.80 -25.93 -23.34
N ILE C 711 11.50 -24.80 -23.33
CA ILE C 711 11.25 -23.72 -24.28
C ILE C 711 11.84 -24.12 -25.62
N ALA C 712 10.96 -24.26 -26.63
CA ALA C 712 11.43 -24.68 -27.94
C ALA C 712 12.11 -23.57 -28.72
N ASP C 713 11.71 -22.32 -28.50
CA ASP C 713 12.19 -21.20 -29.30
C ASP C 713 13.57 -20.77 -28.80
N LYS C 714 14.56 -20.82 -29.70
CA LYS C 714 15.92 -20.45 -29.31
C LYS C 714 16.02 -18.99 -28.92
N TYR C 715 15.30 -18.11 -29.63
CA TYR C 715 15.31 -16.70 -29.27
C TYR C 715 14.78 -16.47 -27.87
N VAL C 716 13.66 -17.12 -27.52
CA VAL C 716 13.08 -16.93 -26.20
C VAL C 716 13.98 -17.53 -25.12
N ARG C 717 14.59 -18.68 -25.40
CA ARG C 717 15.50 -19.27 -24.42
C ARG C 717 16.70 -18.37 -24.17
N ASN C 718 17.28 -17.80 -25.23
CA ASN C 718 18.38 -16.87 -25.07
C ASN C 718 17.93 -15.61 -24.34
N LEU C 719 16.71 -15.16 -24.60
CA LEU C 719 16.18 -13.99 -23.91
C LEU C 719 16.06 -14.25 -22.41
N GLN C 720 15.58 -15.44 -22.04
CA GLN C 720 15.48 -15.78 -20.62
C GLN C 720 16.86 -15.86 -19.97
N HIS C 721 17.83 -16.46 -20.67
CA HIS C 721 19.18 -16.55 -20.14
C HIS C 721 19.77 -15.16 -19.89
N ARG C 722 19.66 -14.27 -20.87
CA ARG C 722 20.23 -12.95 -20.71
C ARG C 722 19.43 -12.11 -19.72
N LEU C 723 18.13 -12.39 -19.56
CA LEU C 723 17.35 -11.72 -18.52
C LEU C 723 17.88 -12.08 -17.14
N TYR C 724 18.08 -13.37 -16.88
CA TYR C 724 18.63 -13.78 -15.59
C TYR C 724 20.01 -13.17 -15.36
N GLU C 725 20.86 -13.19 -16.40
CA GLU C 725 22.21 -12.66 -16.25
C GLU C 725 22.19 -11.16 -15.96
N CYS C 726 21.45 -10.39 -16.76
CA CYS C 726 21.35 -8.95 -16.58
C CYS C 726 20.64 -8.58 -15.30
N LEU C 727 19.96 -9.53 -14.65
CA LEU C 727 19.20 -9.21 -13.41
C LEU C 727 20.09 -9.49 -12.20
N TYR C 728 20.82 -10.62 -12.19
CA TYR C 728 21.53 -10.99 -10.97
C TYR C 728 23.06 -10.98 -11.07
N ARG C 729 23.63 -11.03 -12.28
CA ARG C 729 25.08 -11.10 -12.41
C ARG C 729 25.71 -9.82 -12.95
N ASN C 730 24.92 -8.88 -13.45
CA ASN C 730 25.40 -7.59 -13.92
C ASN C 730 24.93 -6.49 -12.99
N ARG C 731 25.84 -5.61 -12.59
CA ARG C 731 25.49 -4.51 -11.70
C ARG C 731 25.17 -3.22 -12.43
N ASP C 732 25.74 -3.01 -13.60
CA ASP C 732 25.42 -1.84 -14.41
C ASP C 732 24.22 -2.11 -15.31
N VAL C 733 23.68 -1.04 -15.88
CA VAL C 733 22.48 -1.12 -16.71
C VAL C 733 22.87 -1.41 -18.15
N ASP C 734 22.16 -2.33 -18.78
CA ASP C 734 22.42 -2.75 -20.16
C ASP C 734 21.29 -2.22 -21.04
N THR C 735 21.56 -1.09 -21.71
CA THR C 735 20.51 -0.41 -22.46
C THR C 735 20.00 -1.25 -23.62
N ASP C 736 20.89 -2.00 -24.26
CA ASP C 736 20.48 -2.83 -25.39
C ASP C 736 19.47 -3.88 -24.95
N PHE C 737 19.73 -4.57 -23.84
CA PHE C 737 18.78 -5.57 -23.39
C PHE C 737 17.52 -4.93 -22.81
N VAL C 738 17.64 -3.75 -22.21
CA VAL C 738 16.43 -3.05 -21.75
C VAL C 738 15.52 -2.76 -22.92
N ASN C 739 16.10 -2.27 -24.02
CA ASN C 739 15.32 -2.01 -25.23
C ASN C 739 14.72 -3.30 -25.79
N GLU C 740 15.50 -4.38 -25.81
CA GLU C 740 14.99 -5.63 -26.36
C GLU C 740 13.83 -6.18 -25.54
N PHE C 741 13.96 -6.14 -24.21
CA PHE C 741 12.87 -6.61 -23.36
C PHE C 741 11.63 -5.72 -23.49
N TYR C 742 11.83 -4.40 -23.59
CA TYR C 742 10.70 -3.51 -23.79
C TYR C 742 9.98 -3.81 -25.10
N ALA C 743 10.73 -4.06 -26.17
CA ALA C 743 10.12 -4.40 -27.45
C ALA C 743 9.38 -5.72 -27.38
N TYR C 744 9.96 -6.71 -26.68
CA TYR C 744 9.28 -7.99 -26.50
C TYR C 744 7.95 -7.80 -25.77
N LEU C 745 7.95 -6.98 -24.71
CA LEU C 745 6.73 -6.72 -23.97
C LEU C 745 5.69 -6.03 -24.85
N ARG C 746 6.09 -4.97 -25.56
CA ARG C 746 5.16 -4.27 -26.44
C ARG C 746 4.60 -5.17 -27.52
N LYS C 747 5.40 -6.12 -28.02
CA LYS C 747 4.89 -6.99 -29.07
C LYS C 747 3.93 -8.05 -28.53
N HIS C 748 4.08 -8.54 -27.31
CA HIS C 748 3.20 -9.67 -26.86
C HIS C 748 2.34 -9.40 -25.63
N PHE C 749 2.56 -8.29 -24.92
CA PHE C 749 1.73 -7.92 -23.74
C PHE C 749 1.44 -6.44 -23.86
N SER C 750 0.34 -6.07 -24.52
CA SER C 750 0.00 -4.65 -24.72
C SER C 750 -0.82 -4.17 -23.52
N MET C 751 -0.78 -2.88 -23.22
CA MET C 751 -1.46 -2.42 -21.98
C MET C 751 -2.17 -1.07 -22.15
N MET C 752 -3.33 -0.89 -21.52
CA MET C 752 -4.01 0.43 -21.48
C MET C 752 -4.16 0.71 -19.98
N ILE C 753 -3.62 1.82 -19.47
CA ILE C 753 -3.60 2.06 -17.99
C ILE C 753 -4.24 3.39 -17.60
N LEU C 754 -5.13 3.41 -16.60
CA LEU C 754 -5.68 4.68 -16.06
C LEU C 754 -5.70 4.54 -14.53
N SER C 755 -4.72 5.10 -13.83
CA SER C 755 -4.61 4.93 -12.36
C SER C 755 -4.57 3.43 -12.01
N ASP C 756 -5.47 2.96 -11.15
CA ASP C 756 -5.42 1.56 -10.67
C ASP C 756 -6.16 0.63 -11.63
N ASP C 757 -6.59 1.14 -12.78
CA ASP C 757 -7.39 0.32 -13.74
C ASP C 757 -6.48 -0.08 -14.90
N ALA C 758 -6.67 -1.29 -15.45
CA ALA C 758 -5.87 -1.72 -16.61
C ALA C 758 -6.59 -2.77 -17.44
N VAL C 759 -6.44 -2.70 -18.77
CA VAL C 759 -6.99 -3.73 -19.69
C VAL C 759 -5.78 -4.25 -20.48
N VAL C 760 -5.67 -5.55 -20.75
CA VAL C 760 -4.44 -6.08 -21.40
C VAL C 760 -4.77 -7.00 -22.59
N CYS C 761 -4.10 -6.82 -23.73
CA CYS C 761 -4.24 -7.75 -24.88
C CYS C 761 -2.95 -8.56 -24.93
N PHE C 762 -3.03 -9.90 -24.94
CA PHE C 762 -1.80 -10.71 -24.86
C PHE C 762 -1.87 -11.93 -25.78
N ASN C 763 -0.71 -12.52 -26.08
CA ASN C 763 -0.65 -13.76 -26.89
C ASN C 763 -1.13 -14.88 -25.98
N SER C 764 -2.12 -15.66 -26.41
CA SER C 764 -2.69 -16.72 -25.54
C SER C 764 -1.90 -18.03 -25.68
N THR C 765 -0.85 -18.05 -26.49
CA THR C 765 -0.02 -19.26 -26.62
C THR C 765 1.18 -19.03 -25.74
N TYR C 766 1.75 -17.83 -25.73
CA TYR C 766 2.82 -17.53 -24.79
C TYR C 766 2.34 -17.60 -23.35
N ALA C 767 1.12 -17.15 -23.08
CA ALA C 767 0.54 -17.30 -21.75
C ALA C 767 0.33 -18.77 -21.40
N SER C 768 -0.10 -19.57 -22.38
CA SER C 768 -0.26 -21.00 -22.13
C SER C 768 1.08 -21.67 -21.80
N GLN C 769 2.14 -21.28 -22.51
CA GLN C 769 3.45 -21.89 -22.30
C GLN C 769 4.24 -21.24 -21.17
N GLY C 770 3.74 -20.17 -20.57
CA GLY C 770 4.40 -19.56 -19.44
C GLY C 770 5.43 -18.51 -19.76
N LEU C 771 5.36 -17.89 -20.94
CA LEU C 771 6.34 -16.88 -21.33
C LEU C 771 5.87 -15.45 -21.06
N VAL C 772 4.58 -15.25 -20.77
CA VAL C 772 4.06 -13.95 -20.38
C VAL C 772 3.16 -14.14 -19.16
N ALA C 773 2.79 -13.06 -18.50
CA ALA C 773 2.01 -13.23 -17.25
C ALA C 773 0.59 -13.71 -17.47
N SER C 774 -0.09 -14.02 -16.38
CA SER C 774 -1.50 -14.45 -16.42
C SER C 774 -2.17 -13.90 -15.16
N ILE C 775 -3.39 -14.33 -14.85
CA ILE C 775 -4.11 -13.76 -13.68
C ILE C 775 -3.64 -14.56 -12.46
N LYS C 776 -2.81 -15.57 -12.67
CA LYS C 776 -2.22 -16.34 -11.55
C LYS C 776 -0.86 -15.72 -11.24
N ASN C 777 -0.17 -15.25 -12.28
CA ASN C 777 1.19 -14.67 -12.09
C ASN C 777 1.03 -13.29 -11.46
N PHE C 778 -0.20 -12.86 -11.18
CA PHE C 778 -0.44 -11.50 -10.65
C PHE C 778 -0.90 -11.63 -9.22
N LYS C 779 -1.52 -12.74 -8.86
CA LYS C 779 -1.87 -12.96 -7.44
C LYS C 779 -0.58 -13.21 -6.69
N SER C 780 0.39 -13.86 -7.32
CA SER C 780 1.67 -14.20 -6.67
C SER C 780 2.46 -12.92 -6.41
N VAL C 781 2.54 -12.06 -7.41
CA VAL C 781 3.29 -10.81 -7.28
C VAL C 781 2.63 -9.91 -6.23
N LEU C 782 1.31 -9.79 -6.28
CA LEU C 782 0.62 -8.99 -5.28
C LEU C 782 0.81 -9.60 -3.90
N TYR C 783 0.69 -10.93 -3.77
CA TYR C 783 0.82 -11.55 -2.47
C TYR C 783 2.16 -11.27 -1.81
N TYR C 784 3.26 -11.24 -2.58
CA TYR C 784 4.52 -11.03 -1.89
C TYR C 784 5.05 -9.60 -1.96
N GLN C 785 4.47 -8.72 -2.79
CA GLN C 785 4.95 -7.34 -2.86
C GLN C 785 3.92 -6.27 -2.50
N ASN C 786 2.70 -6.63 -2.13
CA ASN C 786 1.69 -5.65 -1.80
C ASN C 786 0.87 -6.09 -0.59
N ASN C 787 1.19 -7.25 -0.03
CA ASN C 787 0.57 -7.75 1.20
C ASN C 787 -0.96 -7.80 1.09
N VAL C 788 -1.43 -8.23 -0.08
CA VAL C 788 -2.85 -8.39 -0.32
C VAL C 788 -3.08 -9.72 -1.04
N PHE C 789 -4.33 -10.18 -1.02
CA PHE C 789 -4.68 -11.42 -1.77
C PHE C 789 -5.71 -11.07 -2.84
N MET C 790 -5.34 -11.11 -4.11
CA MET C 790 -6.28 -10.81 -5.21
C MET C 790 -7.16 -12.03 -5.49
N SER C 791 -8.47 -11.85 -5.45
CA SER C 791 -9.41 -12.97 -5.66
C SER C 791 -9.79 -13.01 -7.13
N GLU C 792 -10.75 -13.87 -7.52
CA GLU C 792 -11.21 -13.89 -8.92
C GLU C 792 -12.30 -12.82 -9.10
N ALA C 793 -12.64 -12.08 -8.04
CA ALA C 793 -13.73 -11.09 -8.16
C ALA C 793 -13.22 -9.80 -8.79
N LYS C 794 -11.94 -9.47 -8.63
CA LYS C 794 -11.45 -8.27 -9.35
C LYS C 794 -10.68 -8.68 -10.63
N CYS C 795 -10.93 -9.88 -11.15
CA CYS C 795 -10.20 -10.41 -12.32
C CYS C 795 -11.20 -10.91 -13.38
N TRP C 796 -11.06 -10.45 -14.62
CA TRP C 796 -11.97 -10.91 -15.70
C TRP C 796 -11.15 -11.45 -16.87
N THR C 797 -11.77 -12.22 -17.76
CA THR C 797 -11.08 -12.71 -18.97
C THR C 797 -12.04 -12.71 -20.13
N GLU C 798 -11.55 -12.46 -21.34
CA GLU C 798 -12.40 -12.46 -22.55
C GLU C 798 -11.58 -13.04 -23.71
N THR C 799 -11.96 -14.22 -24.20
CA THR C 799 -11.26 -14.85 -25.33
C THR C 799 -11.73 -14.26 -26.63
N ASP C 800 -12.75 -13.38 -26.57
CA ASP C 800 -13.33 -12.79 -27.80
C ASP C 800 -12.86 -11.35 -27.96
N LEU C 801 -12.79 -10.86 -29.20
CA LEU C 801 -12.39 -9.44 -29.44
C LEU C 801 -13.65 -8.63 -29.81
N THR C 802 -14.63 -9.26 -30.44
CA THR C 802 -15.90 -8.57 -30.75
C THR C 802 -16.45 -8.03 -29.45
N LYS C 803 -16.62 -8.88 -28.44
CA LYS C 803 -17.02 -8.39 -27.13
C LYS C 803 -15.80 -7.76 -26.49
N GLY C 804 -15.77 -6.44 -26.25
CA GLY C 804 -14.55 -5.79 -25.75
C GLY C 804 -14.31 -6.00 -24.27
N PRO C 805 -13.53 -5.10 -23.62
CA PRO C 805 -13.20 -5.27 -22.20
C PRO C 805 -14.43 -5.44 -21.34
N HIS C 806 -14.37 -6.39 -20.40
CA HIS C 806 -15.53 -6.64 -19.49
C HIS C 806 -15.85 -5.36 -18.73
N GLU C 807 -14.83 -4.67 -18.28
CA GLU C 807 -15.06 -3.45 -17.49
C GLU C 807 -13.82 -2.56 -17.50
N PHE C 808 -13.98 -1.28 -17.85
CA PHE C 808 -12.86 -0.30 -17.80
C PHE C 808 -13.47 1.03 -17.40
N CYS C 809 -12.92 1.67 -16.37
CA CYS C 809 -13.42 2.99 -15.92
C CYS C 809 -14.93 2.90 -15.65
N SER C 810 -15.44 1.73 -15.24
CA SER C 810 -16.87 1.56 -14.86
C SER C 810 -17.80 1.51 -16.07
N GLN C 811 -17.26 1.45 -17.28
CA GLN C 811 -18.11 1.35 -18.50
C GLN C 811 -17.97 -0.05 -19.10
N HIS C 812 -18.99 -0.53 -19.80
CA HIS C 812 -18.90 -1.83 -20.52
C HIS C 812 -18.75 -1.48 -22.00
N THR C 813 -18.60 -2.46 -22.89
CA THR C 813 -18.34 -2.14 -24.32
C THR C 813 -19.24 -2.96 -25.20
N MET C 814 -19.61 -2.40 -26.34
CA MET C 814 -20.55 -3.05 -27.29
C MET C 814 -20.06 -2.74 -28.71
N LEU C 815 -20.19 -3.68 -29.66
CA LEU C 815 -19.82 -3.38 -31.08
C LEU C 815 -21.10 -3.07 -31.87
N VAL C 816 -21.40 -1.79 -32.07
CA VAL C 816 -22.64 -1.37 -32.78
C VAL C 816 -22.29 -0.86 -34.18
N LYS C 817 -23.28 -0.67 -35.05
CA LYS C 817 -23.02 -0.10 -36.40
C LYS C 817 -23.39 1.39 -36.41
N GLN C 818 -22.40 2.25 -36.66
CA GLN C 818 -22.65 3.71 -36.76
C GLN C 818 -22.47 4.09 -38.23
N GLY C 819 -23.49 3.84 -39.05
CA GLY C 819 -23.41 4.14 -40.45
C GLY C 819 -23.09 2.93 -41.29
N ASP C 820 -21.85 2.87 -41.76
CA ASP C 820 -21.40 1.75 -42.62
C ASP C 820 -20.35 0.94 -41.88
N ASP C 821 -19.77 1.53 -40.83
CA ASP C 821 -18.67 0.88 -40.08
C ASP C 821 -19.19 0.36 -38.74
N TYR C 822 -18.45 -0.56 -38.13
CA TYR C 822 -18.80 -1.02 -36.76
C TYR C 822 -17.89 -0.31 -35.80
N VAL C 823 -18.46 0.35 -34.79
CA VAL C 823 -17.66 1.11 -33.79
C VAL C 823 -17.84 0.43 -32.43
N TYR C 824 -17.10 0.87 -31.41
CA TYR C 824 -17.27 0.34 -30.04
C TYR C 824 -17.81 1.46 -29.21
N LEU C 825 -18.85 1.22 -28.41
CA LEU C 825 -19.49 2.30 -27.62
C LEU C 825 -19.44 1.96 -26.12
N PRO C 826 -18.93 2.85 -25.26
CA PRO C 826 -18.92 2.60 -23.82
C PRO C 826 -20.31 2.88 -23.22
N TYR C 827 -20.88 1.88 -22.55
CA TYR C 827 -22.20 2.07 -21.89
C TYR C 827 -22.04 1.76 -20.40
N PRO C 828 -22.60 2.61 -19.50
CA PRO C 828 -22.46 2.40 -18.07
C PRO C 828 -23.53 1.49 -17.49
N ASP C 829 -23.78 1.60 -16.19
CA ASP C 829 -24.78 0.73 -15.51
C ASP C 829 -26.12 1.47 -15.42
N PRO C 830 -27.23 0.90 -15.94
CA PRO C 830 -28.54 1.54 -15.81
C PRO C 830 -28.84 1.90 -14.37
N SER C 831 -28.65 0.94 -13.45
CA SER C 831 -28.91 1.19 -12.04
C SER C 831 -28.21 2.45 -11.57
N ARG C 832 -26.96 2.66 -12.01
CA ARG C 832 -26.24 3.87 -11.64
C ARG C 832 -26.94 5.12 -12.17
N ILE C 833 -27.38 5.08 -13.43
CA ILE C 833 -28.03 6.26 -14.00
C ILE C 833 -29.35 6.54 -13.30
N LEU C 834 -30.15 5.49 -13.06
CA LEU C 834 -31.43 5.69 -12.39
C LEU C 834 -31.24 6.20 -10.96
N GLY C 835 -30.24 5.67 -10.25
CA GLY C 835 -29.96 6.15 -8.92
C GLY C 835 -29.51 7.60 -8.89
N ALA C 836 -28.68 7.99 -9.87
CA ALA C 836 -28.27 9.39 -9.95
C ALA C 836 -29.47 10.29 -10.23
N GLY C 837 -30.41 9.82 -11.02
CA GLY C 837 -31.61 10.60 -11.27
C GLY C 837 -32.52 10.72 -10.05
N CYS C 838 -32.77 9.60 -9.38
CA CYS C 838 -33.77 9.57 -8.31
C CYS C 838 -33.29 10.24 -7.02
N PHE C 839 -32.03 10.01 -6.65
CA PHE C 839 -31.50 10.51 -5.39
C PHE C 839 -30.51 11.64 -5.68
N VAL C 840 -30.67 12.75 -4.96
CA VAL C 840 -29.82 13.92 -5.15
C VAL C 840 -29.29 14.36 -3.80
N ASP C 841 -28.16 15.07 -3.82
CA ASP C 841 -27.50 15.48 -2.58
C ASP C 841 -28.14 16.74 -2.00
N ASP C 842 -28.53 17.69 -2.84
CA ASP C 842 -29.09 18.97 -2.39
C ASP C 842 -30.61 18.97 -2.52
N ILE C 843 -31.26 19.58 -1.53
CA ILE C 843 -32.72 19.67 -1.55
C ILE C 843 -33.19 20.59 -2.67
N VAL C 844 -32.37 21.60 -3.02
CA VAL C 844 -32.77 22.56 -4.05
C VAL C 844 -32.89 21.86 -5.40
N LYS C 845 -32.01 20.92 -5.69
CA LYS C 845 -31.97 20.24 -6.99
C LYS C 845 -33.14 19.30 -7.21
N THR C 846 -34.14 19.24 -6.32
CA THR C 846 -35.32 18.42 -6.56
C THR C 846 -36.36 19.14 -7.40
N ASP C 847 -36.15 20.40 -7.73
CA ASP C 847 -37.05 21.15 -8.61
C ASP C 847 -36.66 20.84 -10.05
N GLY C 848 -37.52 20.11 -10.76
CA GLY C 848 -37.21 19.73 -12.12
C GLY C 848 -37.14 20.92 -13.06
N THR C 849 -37.99 21.92 -12.84
CA THR C 849 -38.05 23.07 -13.73
C THR C 849 -36.85 24.00 -13.60
N LEU C 850 -36.03 23.84 -12.56
CA LEU C 850 -34.86 24.69 -12.37
C LEU C 850 -33.54 23.96 -12.57
N MET C 851 -33.57 22.66 -12.82
CA MET C 851 -32.36 21.86 -13.06
C MET C 851 -32.59 20.98 -14.28
N ILE C 852 -32.27 21.52 -15.46
CA ILE C 852 -32.39 20.80 -16.72
C ILE C 852 -31.04 20.21 -17.08
N GLU C 853 -29.97 20.88 -16.65
CA GLU C 853 -28.62 20.47 -17.02
C GLU C 853 -28.32 19.07 -16.48
N ARG C 854 -28.79 18.75 -15.28
CA ARG C 854 -28.56 17.44 -14.71
C ARG C 854 -29.09 16.34 -15.62
N PHE C 855 -30.34 16.51 -16.07
CA PHE C 855 -30.95 15.47 -16.89
C PHE C 855 -30.38 15.47 -18.31
N VAL C 856 -29.95 16.62 -18.81
CA VAL C 856 -29.29 16.65 -20.11
C VAL C 856 -27.99 15.86 -20.05
N SER C 857 -27.18 16.09 -19.01
CA SER C 857 -25.92 15.36 -18.87
C SER C 857 -26.15 13.87 -18.64
N LEU C 858 -27.16 13.53 -17.84
CA LEU C 858 -27.46 12.12 -17.60
C LEU C 858 -27.92 11.44 -18.89
N ALA C 859 -28.69 12.14 -19.72
CA ALA C 859 -29.09 11.56 -20.99
C ALA C 859 -27.91 11.42 -21.93
N ILE C 860 -26.90 12.27 -21.86
CA ILE C 860 -25.71 12.06 -22.75
C ILE C 860 -25.06 10.71 -22.42
N ASP C 861 -24.94 10.35 -21.14
CA ASP C 861 -24.25 9.10 -20.72
C ASP C 861 -25.15 7.87 -20.88
N ALA C 862 -26.47 8.09 -20.96
CA ALA C 862 -27.42 6.96 -21.06
C ALA C 862 -27.79 6.71 -22.53
N TYR C 863 -27.27 7.54 -23.43
CA TYR C 863 -27.62 7.40 -24.88
C TYR C 863 -27.18 6.02 -25.41
N PRO C 864 -25.92 5.57 -25.24
CA PRO C 864 -25.48 4.32 -25.84
C PRO C 864 -26.44 3.15 -25.63
N LEU C 865 -27.10 3.10 -24.47
CA LEU C 865 -28.01 1.97 -24.14
C LEU C 865 -29.06 1.77 -25.24
N THR C 866 -29.36 2.80 -26.03
CA THR C 866 -30.42 2.72 -27.06
C THR C 866 -30.10 1.57 -27.98
N LYS C 867 -28.85 1.17 -28.04
CA LYS C 867 -28.41 0.13 -28.98
C LYS C 867 -27.96 -1.11 -28.20
N HIS C 868 -28.78 -1.55 -27.24
CA HIS C 868 -28.44 -2.75 -26.43
C HIS C 868 -29.45 -3.83 -26.76
N PRO C 869 -29.04 -5.11 -26.84
CA PRO C 869 -29.96 -6.17 -27.20
C PRO C 869 -31.12 -6.23 -26.24
N ASN C 870 -30.87 -6.02 -24.95
CA ASN C 870 -31.93 -6.08 -23.95
C ASN C 870 -32.83 -4.87 -24.10
N GLN C 871 -34.11 -5.12 -24.37
CA GLN C 871 -35.04 -4.02 -24.64
C GLN C 871 -35.20 -3.11 -23.43
N GLU C 872 -35.33 -3.70 -22.23
CA GLU C 872 -35.57 -2.89 -21.04
C GLU C 872 -34.36 -2.08 -20.63
N TYR C 873 -33.18 -2.40 -21.16
CA TYR C 873 -32.02 -1.53 -20.99
C TYR C 873 -32.14 -0.28 -21.84
N ALA C 874 -32.60 -0.42 -23.09
CA ALA C 874 -32.68 0.72 -24.00
C ALA C 874 -33.78 1.69 -23.60
N ASP C 875 -34.79 1.23 -22.86
CA ASP C 875 -35.89 2.09 -22.46
C ASP C 875 -35.49 3.08 -21.39
N VAL C 876 -34.30 2.96 -20.81
CA VAL C 876 -33.84 3.92 -19.82
C VAL C 876 -33.58 5.27 -20.46
N PHE C 877 -32.97 5.27 -21.65
CA PHE C 877 -32.67 6.54 -22.32
C PHE C 877 -33.94 7.29 -22.70
N HIS C 878 -34.93 6.57 -23.22
CA HIS C 878 -36.17 7.23 -23.64
C HIS C 878 -36.93 7.81 -22.45
N LEU C 879 -36.73 7.26 -21.26
CA LEU C 879 -37.35 7.84 -20.08
C LEU C 879 -36.84 9.25 -19.83
N TYR C 880 -35.53 9.46 -19.98
CA TYR C 880 -34.97 10.79 -19.75
C TYR C 880 -35.41 11.78 -20.81
N LEU C 881 -35.62 11.34 -22.04
CA LEU C 881 -36.09 12.25 -23.11
C LEU C 881 -37.56 12.63 -22.89
N GLN C 882 -38.39 11.73 -22.36
CA GLN C 882 -39.77 12.08 -22.07
C GLN C 882 -39.90 12.96 -20.84
N TYR C 883 -38.95 12.84 -19.90
CA TYR C 883 -38.95 13.72 -18.74
C TYR C 883 -38.42 15.11 -19.08
N ILE C 884 -37.51 15.22 -20.04
CA ILE C 884 -37.00 16.52 -20.44
C ILE C 884 -38.09 17.35 -21.10
N ARG C 885 -38.94 16.70 -21.92
CA ARG C 885 -40.05 17.41 -22.53
C ARG C 885 -40.98 17.99 -21.47
N LYS C 886 -41.28 17.20 -20.44
CA LYS C 886 -42.18 17.67 -19.38
C LYS C 886 -41.61 18.90 -18.69
N LEU C 887 -40.32 18.91 -18.41
CA LEU C 887 -39.71 20.04 -17.70
C LEU C 887 -39.80 21.31 -18.53
N HIS C 888 -39.57 21.23 -19.83
CA HIS C 888 -39.73 22.42 -20.68
C HIS C 888 -41.18 22.85 -20.75
N ASP C 889 -42.10 21.90 -20.88
CA ASP C 889 -43.51 22.24 -20.97
C ASP C 889 -44.01 22.89 -19.68
N GLU C 890 -43.61 22.36 -18.53
CA GLU C 890 -43.96 22.98 -17.27
C GLU C 890 -43.32 24.35 -17.14
N LEU C 891 -42.07 24.49 -17.60
CA LEU C 891 -41.39 25.77 -17.53
C LEU C 891 -42.08 26.81 -18.42
N THR C 892 -42.54 26.40 -19.60
CA THR C 892 -43.23 27.30 -20.51
C THR C 892 -44.68 26.89 -20.69
N THR C 908 -36.29 24.61 -25.93
CA THR C 908 -35.46 24.21 -27.04
C THR C 908 -35.68 22.73 -27.37
N SER C 909 -36.25 22.47 -28.54
CA SER C 909 -36.58 21.09 -28.90
C SER C 909 -35.35 20.23 -29.12
N ARG C 910 -34.17 20.84 -29.22
CA ARG C 910 -32.95 20.08 -29.50
C ARG C 910 -32.66 19.07 -28.40
N TYR C 911 -32.95 19.42 -27.15
CA TYR C 911 -32.64 18.51 -26.04
C TYR C 911 -33.44 17.22 -26.13
N TRP C 912 -34.72 17.29 -26.50
CA TRP C 912 -35.54 16.11 -26.56
C TRP C 912 -35.64 15.52 -27.97
N GLU C 913 -34.63 15.77 -28.81
CA GLU C 913 -34.47 15.07 -30.06
C GLU C 913 -33.22 14.19 -30.01
N PRO C 914 -33.32 12.94 -30.46
CA PRO C 914 -32.19 12.00 -30.28
C PRO C 914 -30.90 12.41 -30.98
N GLU C 915 -30.97 13.14 -32.09
CA GLU C 915 -29.77 13.40 -32.88
C GLU C 915 -28.76 14.25 -32.13
N PHE C 916 -29.21 15.08 -31.19
CA PHE C 916 -28.26 15.88 -30.40
C PHE C 916 -27.32 14.98 -29.63
N TYR C 917 -27.85 13.95 -28.97
CA TYR C 917 -27.00 13.01 -28.25
C TYR C 917 -26.28 12.07 -29.19
N GLU C 918 -26.91 11.71 -30.32
CA GLU C 918 -26.24 10.86 -31.29
C GLU C 918 -24.97 11.52 -31.83
N ALA C 919 -24.98 12.84 -31.96
CA ALA C 919 -23.81 13.56 -32.41
C ALA C 919 -22.65 13.52 -31.41
N MET C 920 -22.87 13.00 -30.21
CA MET C 920 -21.80 13.08 -29.16
C MET C 920 -20.89 11.86 -29.24
N TYR C 921 -21.29 10.82 -29.98
CA TYR C 921 -20.47 9.60 -30.12
C TYR C 921 -20.14 9.38 -31.59
N THR C 922 -19.87 10.45 -32.34
CA THR C 922 -19.60 10.36 -33.79
C THR C 922 -18.22 10.88 -34.06
N PRO C 923 -17.39 10.25 -34.91
CA PRO C 923 -15.98 10.64 -35.06
C PRO C 923 -15.77 12.11 -35.39
N HIS C 924 -16.61 12.70 -36.23
CA HIS C 924 -16.42 14.09 -36.62
C HIS C 924 -16.73 15.01 -35.45
N THR C 925 -15.83 15.94 -35.16
CA THR C 925 -16.03 16.87 -34.06
C THR C 925 -16.73 18.14 -34.52
N SER D 76 -6.45 42.61 -2.77
CA SER D 76 -5.39 41.62 -2.70
C SER D 76 -4.23 42.13 -1.85
N GLU D 77 -4.24 43.43 -1.56
CA GLU D 77 -3.20 44.06 -0.75
C GLU D 77 -3.64 44.22 0.70
N ASP D 78 -4.79 44.86 0.94
CA ASP D 78 -5.34 44.89 2.29
C ASP D 78 -5.99 43.55 2.66
N LYS D 79 -6.41 42.77 1.66
CA LYS D 79 -6.85 41.41 1.93
C LYS D 79 -5.72 40.58 2.52
N ARG D 80 -4.50 40.79 2.04
CA ARG D 80 -3.34 40.12 2.61
C ARG D 80 -3.00 40.66 4.00
N ALA D 81 -3.15 41.97 4.19
CA ALA D 81 -2.81 42.59 5.47
C ALA D 81 -3.73 42.15 6.60
N LYS D 82 -4.85 41.49 6.28
CA LYS D 82 -5.72 40.96 7.33
C LYS D 82 -5.23 39.61 7.82
N VAL D 83 -4.84 38.71 6.90
CA VAL D 83 -4.40 37.38 7.29
C VAL D 83 -3.00 37.39 7.89
N THR D 84 -2.19 38.41 7.58
CA THR D 84 -0.85 38.49 8.15
C THR D 84 -0.90 38.65 9.67
N SER D 85 -1.79 39.51 10.16
CA SER D 85 -1.94 39.67 11.60
C SER D 85 -2.73 38.53 12.23
N ALA D 86 -3.44 37.74 11.41
CA ALA D 86 -4.11 36.57 11.95
C ALA D 86 -3.11 35.44 12.23
N MET D 87 -2.15 35.25 11.33
CA MET D 87 -1.12 34.22 11.56
C MET D 87 -0.27 34.56 12.77
N GLN D 88 0.09 35.84 12.94
CA GLN D 88 0.94 36.22 14.06
C GLN D 88 0.20 36.10 15.38
N THR D 89 -1.10 36.39 15.39
CA THR D 89 -1.88 36.23 16.62
C THR D 89 -1.94 34.77 17.05
N MET D 90 -2.15 33.86 16.09
CA MET D 90 -2.15 32.44 16.42
C MET D 90 -0.76 31.99 16.85
N LEU D 91 0.29 32.45 16.15
CA LEU D 91 1.65 32.07 16.50
C LEU D 91 2.09 32.63 17.84
N PHE D 92 1.36 33.59 18.40
CA PHE D 92 1.65 34.11 19.73
C PHE D 92 0.75 33.55 20.81
N THR D 93 -0.46 33.12 20.46
CA THR D 93 -1.34 32.49 21.44
C THR D 93 -0.81 31.14 21.88
N MET D 94 -0.24 30.36 20.95
CA MET D 94 0.25 29.03 21.28
C MET D 94 1.48 29.08 22.17
N LEU D 95 2.28 30.15 22.08
CA LEU D 95 3.45 30.26 22.94
C LEU D 95 3.04 30.37 24.40
N ARG D 96 1.97 31.11 24.69
CA ARG D 96 1.47 31.21 26.05
C ARG D 96 1.00 29.87 26.60
N LYS D 97 0.70 28.90 25.73
CA LYS D 97 0.27 27.58 26.16
C LYS D 97 1.42 26.61 26.38
N LEU D 98 2.64 27.00 25.99
CA LEU D 98 3.77 26.09 26.16
C LEU D 98 4.14 25.97 27.63
N ASP D 99 4.50 24.76 28.04
CA ASP D 99 4.95 24.49 29.41
C ASP D 99 6.44 24.80 29.48
N ASN D 100 6.75 26.08 29.58
CA ASN D 100 8.13 26.54 29.52
C ASN D 100 8.96 26.04 30.68
N ASP D 101 8.34 25.69 31.80
CA ASP D 101 9.09 25.19 32.95
C ASP D 101 9.70 23.82 32.66
N ALA D 102 8.96 22.96 31.94
CA ALA D 102 9.42 21.61 31.65
C ALA D 102 10.06 21.49 30.27
N LEU D 103 9.58 22.25 29.29
CA LEU D 103 10.13 22.15 27.94
C LEU D 103 11.59 22.55 27.89
N ASN D 104 11.98 23.52 28.72
CA ASN D 104 13.38 23.97 28.72
C ASN D 104 14.31 22.86 29.18
N ASN D 105 13.89 22.06 30.15
CA ASN D 105 14.72 20.96 30.62
C ASN D 105 14.95 19.94 29.51
N ILE D 106 13.89 19.58 28.79
CA ILE D 106 14.00 18.57 27.74
C ILE D 106 14.91 19.04 26.61
N ILE D 107 14.75 20.29 26.20
CA ILE D 107 15.57 20.83 25.12
C ILE D 107 17.04 20.91 25.53
N ASN D 108 17.31 21.37 26.75
CA ASN D 108 18.68 21.56 27.21
C ASN D 108 19.36 20.28 27.64
N ASN D 109 18.66 19.14 27.65
CA ASN D 109 19.26 17.86 27.96
C ASN D 109 19.61 17.05 26.73
N ALA D 110 19.35 17.59 25.53
CA ALA D 110 19.70 16.90 24.31
C ALA D 110 21.18 17.09 23.98
N ARG D 111 21.68 16.27 23.06
CA ARG D 111 23.08 16.37 22.67
C ARG D 111 23.39 17.71 22.03
N ASP D 112 22.51 18.18 21.14
CA ASP D 112 22.70 19.44 20.44
C ASP D 112 21.42 20.27 20.45
N GLY D 113 20.57 20.06 21.45
CA GLY D 113 19.34 20.83 21.56
C GLY D 113 18.23 20.42 20.61
N CYS D 114 18.39 19.32 19.90
CA CYS D 114 17.42 18.87 18.91
C CYS D 114 16.77 17.57 19.40
N VAL D 115 15.44 17.56 19.48
CA VAL D 115 14.71 16.41 20.00
C VAL D 115 13.59 16.04 19.03
N PRO D 116 13.16 14.78 18.99
CA PRO D 116 12.01 14.42 18.18
C PRO D 116 10.74 15.08 18.68
N LEU D 117 9.81 15.33 17.75
CA LEU D 117 8.57 16.01 18.10
C LEU D 117 7.61 15.09 18.85
N ASN D 118 7.65 13.78 18.57
CA ASN D 118 6.68 12.86 19.15
C ASN D 118 6.84 12.65 20.64
N ILE D 119 7.91 13.18 21.25
CA ILE D 119 8.12 13.00 22.69
C ILE D 119 7.80 14.25 23.50
N ILE D 120 7.67 15.41 22.86
CA ILE D 120 7.37 16.64 23.60
C ILE D 120 6.02 16.57 24.31
N PRO D 121 4.92 16.21 23.64
CA PRO D 121 3.66 16.04 24.41
C PRO D 121 3.77 14.95 25.47
N LEU D 122 4.49 13.86 25.17
CA LEU D 122 4.58 12.74 26.12
C LEU D 122 5.25 13.17 27.41
N THR D 123 6.33 13.94 27.32
CA THR D 123 7.12 14.30 28.49
C THR D 123 6.83 15.70 29.00
N THR D 124 5.89 16.44 28.41
CA THR D 124 5.65 17.79 28.87
C THR D 124 4.18 18.09 29.11
N ALA D 125 3.29 17.38 28.43
CA ALA D 125 1.87 17.67 28.54
C ALA D 125 1.38 17.50 29.96
N ALA D 126 0.60 18.47 30.44
CA ALA D 126 0.04 18.45 31.78
C ALA D 126 -1.40 17.98 31.81
N LYS D 127 -1.90 17.44 30.70
CA LYS D 127 -3.29 17.05 30.57
C LYS D 127 -3.39 15.96 29.52
N LEU D 128 -4.19 14.93 29.80
CA LEU D 128 -4.32 13.78 28.93
C LEU D 128 -5.80 13.46 28.70
N MET D 129 -6.14 13.14 27.46
CA MET D 129 -7.49 12.74 27.09
C MET D 129 -7.45 11.32 26.53
N VAL D 130 -8.32 10.46 27.05
CA VAL D 130 -8.37 9.05 26.68
C VAL D 130 -9.76 8.73 26.16
N VAL D 131 -9.83 8.10 25.00
CA VAL D 131 -11.09 7.70 24.38
C VAL D 131 -11.18 6.18 24.48
N ILE D 132 -12.24 5.69 25.10
CA ILE D 132 -12.42 4.27 25.40
C ILE D 132 -13.58 3.74 24.56
N PRO D 133 -13.39 2.70 23.75
CA PRO D 133 -14.52 2.15 23.01
C PRO D 133 -15.57 1.48 23.87
N ASP D 134 -15.18 0.57 24.76
CA ASP D 134 -16.15 -0.21 25.52
C ASP D 134 -15.61 -0.53 26.91
N TYR D 135 -16.42 -1.25 27.70
CA TYR D 135 -16.11 -1.45 29.10
C TYR D 135 -14.90 -2.34 29.32
N ASN D 136 -14.68 -3.32 28.45
CA ASN D 136 -13.49 -4.16 28.57
C ASN D 136 -12.22 -3.32 28.48
N THR D 137 -12.16 -2.46 27.46
CA THR D 137 -11.01 -1.57 27.31
C THR D 137 -10.92 -0.59 28.47
N TYR D 138 -12.06 -0.18 29.03
CA TYR D 138 -12.05 0.77 30.16
C TYR D 138 -11.38 0.10 31.32
N LYS D 139 -11.84 -1.11 31.62
CA LYS D 139 -11.31 -1.84 32.76
C LYS D 139 -9.82 -2.13 32.58
N ASN D 140 -9.41 -2.45 31.35
CA ASN D 140 -7.99 -2.72 31.11
C ASN D 140 -7.14 -1.47 31.30
N THR D 141 -7.62 -0.31 30.83
CA THR D 141 -6.78 0.88 30.74
C THR D 141 -6.96 1.84 31.92
N CYS D 142 -8.18 2.33 32.13
CA CYS D 142 -8.42 3.45 33.04
C CYS D 142 -9.17 3.03 34.30
N ASP D 143 -8.84 1.86 34.84
CA ASP D 143 -9.49 1.39 36.07
C ASP D 143 -9.13 2.29 37.24
N GLY D 144 -10.13 2.62 38.04
CA GLY D 144 -9.92 3.36 39.26
C GLY D 144 -9.77 4.85 39.05
N THR D 145 -9.68 5.58 40.17
CA THR D 145 -9.54 7.02 40.12
C THR D 145 -8.21 7.43 39.49
N THR D 146 -7.13 6.77 39.85
CA THR D 146 -5.79 7.09 39.34
C THR D 146 -5.24 5.88 38.59
N PHE D 147 -4.68 6.14 37.41
CA PHE D 147 -4.02 5.12 36.62
C PHE D 147 -2.61 5.59 36.28
N THR D 148 -1.88 4.78 35.53
CA THR D 148 -0.53 5.11 35.11
C THR D 148 -0.37 4.84 33.62
N TYR D 149 0.27 5.78 32.93
CA TYR D 149 0.54 5.64 31.51
C TYR D 149 1.71 6.52 31.14
N ALA D 150 2.49 6.08 30.16
CA ALA D 150 3.65 6.83 29.67
C ALA D 150 4.61 7.19 30.80
N SER D 151 4.85 6.24 31.70
CA SER D 151 5.76 6.41 32.83
C SER D 151 5.38 7.62 33.68
N ALA D 152 4.08 7.80 33.91
CA ALA D 152 3.59 8.91 34.71
C ALA D 152 2.31 8.49 35.40
N LEU D 153 1.93 9.24 36.43
CA LEU D 153 0.73 8.99 37.21
C LEU D 153 -0.30 10.07 36.90
N TRP D 154 -1.47 9.65 36.40
CA TRP D 154 -2.54 10.56 36.03
C TRP D 154 -3.75 10.32 36.92
N GLU D 155 -4.39 11.40 37.33
CA GLU D 155 -5.58 11.34 38.18
C GLU D 155 -6.79 11.75 37.36
N ILE D 156 -7.79 10.86 37.30
CA ILE D 156 -8.98 11.14 36.51
C ILE D 156 -9.67 12.36 37.07
N GLN D 157 -9.99 13.31 36.18
CA GLN D 157 -10.62 14.56 36.56
C GLN D 157 -12.06 14.69 36.08
N GLN D 158 -12.41 14.04 34.98
CA GLN D 158 -13.74 14.18 34.40
C GLN D 158 -13.93 13.11 33.33
N VAL D 159 -15.17 12.66 33.19
CA VAL D 159 -15.53 11.67 32.17
C VAL D 159 -16.76 12.19 31.42
N VAL D 160 -16.72 12.08 30.09
CA VAL D 160 -17.76 12.65 29.23
C VAL D 160 -18.05 11.66 28.11
N ASP D 161 -19.34 11.42 27.84
CA ASP D 161 -19.74 10.47 26.81
C ASP D 161 -19.73 11.16 25.44
N ALA D 162 -20.31 10.49 24.44
CA ALA D 162 -20.32 11.02 23.08
C ALA D 162 -21.28 12.20 22.93
N ASP D 163 -22.25 12.36 23.85
CA ASP D 163 -23.20 13.46 23.79
C ASP D 163 -22.73 14.67 24.57
N SER D 164 -21.48 14.67 25.05
CA SER D 164 -20.95 15.74 25.89
C SER D 164 -21.76 15.91 27.16
N LYS D 165 -22.20 14.78 27.74
CA LYS D 165 -22.93 14.75 28.99
C LYS D 165 -21.99 14.29 30.10
N ILE D 166 -22.03 14.99 31.23
CA ILE D 166 -21.17 14.64 32.35
C ILE D 166 -21.52 13.26 32.85
N VAL D 167 -20.52 12.39 32.97
CA VAL D 167 -20.70 11.01 33.41
C VAL D 167 -19.93 10.83 34.71
N GLN D 168 -20.62 10.33 35.74
CA GLN D 168 -19.98 10.07 37.01
C GLN D 168 -19.27 8.73 36.97
N LEU D 169 -18.24 8.60 37.81
CA LEU D 169 -17.48 7.36 37.88
C LEU D 169 -18.26 6.22 38.50
N SER D 170 -19.40 6.50 39.11
CA SER D 170 -20.16 5.45 39.81
C SER D 170 -20.90 4.52 38.86
N GLU D 171 -21.41 5.04 37.75
CA GLU D 171 -22.26 4.23 36.88
C GLU D 171 -21.50 3.56 35.74
N ILE D 172 -20.18 3.56 35.77
CA ILE D 172 -19.38 2.78 34.82
C ILE D 172 -19.18 1.39 35.41
N SER D 173 -19.93 0.42 34.91
CA SER D 173 -19.85 -0.94 35.41
C SER D 173 -20.42 -1.89 34.36
N MET D 174 -20.50 -3.17 34.71
CA MET D 174 -21.06 -4.17 33.80
C MET D 174 -22.54 -3.89 33.51
N ASP D 175 -23.31 -3.53 34.54
CA ASP D 175 -24.76 -3.43 34.37
C ASP D 175 -25.15 -2.20 33.56
N ASN D 176 -24.55 -1.05 33.86
CA ASN D 176 -24.95 0.19 33.22
C ASN D 176 -24.21 0.47 31.91
N SER D 177 -23.32 -0.43 31.49
CA SER D 177 -22.63 -0.23 30.22
C SER D 177 -23.57 -0.16 29.04
N PRO D 178 -24.58 -1.04 28.89
CA PRO D 178 -25.54 -0.84 27.79
C PRO D 178 -26.29 0.48 27.87
N ASN D 179 -26.56 0.99 29.06
CA ASN D 179 -27.24 2.28 29.18
C ASN D 179 -26.31 3.43 28.83
N LEU D 180 -25.00 3.24 29.00
CA LEU D 180 -24.05 4.29 28.66
C LEU D 180 -23.93 4.44 27.14
N ALA D 181 -23.59 5.65 26.70
CA ALA D 181 -23.47 5.97 25.28
C ALA D 181 -21.99 6.11 24.95
N TRP D 182 -21.38 5.00 24.54
CA TRP D 182 -19.97 4.97 24.24
C TRP D 182 -19.68 5.71 22.93
N PRO D 183 -18.43 6.17 22.72
CA PRO D 183 -17.25 6.08 23.58
C PRO D 183 -17.21 7.14 24.69
N LEU D 184 -16.36 6.93 25.68
CA LEU D 184 -16.17 7.88 26.77
C LEU D 184 -14.81 8.55 26.62
N ILE D 185 -14.76 9.84 26.95
CA ILE D 185 -13.55 10.64 26.82
C ILE D 185 -13.11 11.05 28.21
N VAL D 186 -12.08 10.38 28.73
CA VAL D 186 -11.59 10.60 30.08
C VAL D 186 -10.51 11.67 30.06
N THR D 187 -10.66 12.69 30.91
CA THR D 187 -9.69 13.76 31.03
C THR D 187 -8.99 13.66 32.37
N ALA D 188 -7.65 13.64 32.34
CA ALA D 188 -6.86 13.45 33.54
C ALA D 188 -5.74 14.48 33.59
N LEU D 189 -5.27 14.76 34.80
CA LEU D 189 -4.17 15.69 35.03
C LEU D 189 -2.96 14.93 35.56
N ARG D 190 -1.78 15.36 35.13
CA ARG D 190 -0.55 14.72 35.60
C ARG D 190 -0.34 15.02 37.08
N ALA D 191 0.22 14.06 37.79
CA ALA D 191 0.48 14.20 39.21
C ALA D 191 1.53 15.26 39.49
N SER E 1 -41.28 -2.97 -7.56
CA SER E 1 -42.38 -2.16 -7.06
C SER E 1 -42.50 -2.29 -5.56
N LYS E 2 -42.40 -3.53 -5.07
CA LYS E 2 -42.50 -3.77 -3.63
C LYS E 2 -41.29 -3.24 -2.89
N MET E 3 -40.08 -3.53 -3.39
CA MET E 3 -38.87 -3.13 -2.69
C MET E 3 -38.59 -1.64 -2.85
N SER E 4 -38.83 -1.10 -4.05
CA SER E 4 -38.47 0.29 -4.31
C SER E 4 -39.24 1.24 -3.41
N ASP E 5 -40.53 0.99 -3.20
CA ASP E 5 -41.32 1.81 -2.30
C ASP E 5 -40.76 1.77 -0.88
N VAL E 6 -40.38 0.57 -0.41
CA VAL E 6 -39.84 0.44 0.93
C VAL E 6 -38.55 1.24 1.07
N LYS E 7 -37.67 1.13 0.09
CA LYS E 7 -36.38 1.83 0.19
C LYS E 7 -36.56 3.34 0.11
N CYS E 8 -37.42 3.83 -0.79
CA CYS E 8 -37.65 5.26 -0.88
C CYS E 8 -38.29 5.80 0.40
N THR E 9 -39.25 5.05 0.95
CA THR E 9 -39.88 5.47 2.19
C THR E 9 -38.86 5.49 3.33
N SER E 10 -37.94 4.53 3.35
CA SER E 10 -36.88 4.52 4.36
C SER E 10 -36.00 5.76 4.23
N VAL E 11 -35.64 6.13 3.01
CA VAL E 11 -34.81 7.32 2.80
C VAL E 11 -35.52 8.55 3.32
N VAL E 12 -36.80 8.70 2.96
CA VAL E 12 -37.56 9.86 3.41
C VAL E 12 -37.68 9.88 4.92
N LEU E 13 -37.94 8.73 5.54
CA LEU E 13 -38.09 8.67 6.98
C LEU E 13 -36.81 9.03 7.71
N LEU E 14 -35.67 8.53 7.26
CA LEU E 14 -34.42 8.87 7.92
C LEU E 14 -34.08 10.34 7.73
N SER E 15 -34.41 10.91 6.56
CA SER E 15 -34.21 12.34 6.38
C SER E 15 -35.07 13.15 7.35
N VAL E 16 -36.32 12.73 7.54
CA VAL E 16 -37.21 13.43 8.48
C VAL E 16 -36.65 13.34 9.90
N LEU E 17 -36.18 12.15 10.29
CA LEU E 17 -35.60 11.99 11.63
C LEU E 17 -34.36 12.85 11.80
N GLN E 18 -33.51 12.95 10.77
CA GLN E 18 -32.36 13.83 10.83
C GLN E 18 -32.78 15.28 11.00
N GLN E 19 -33.81 15.72 10.28
CA GLN E 19 -34.31 17.07 10.43
C GLN E 19 -34.90 17.32 11.81
N LEU E 20 -35.42 16.27 12.45
CA LEU E 20 -36.01 16.39 13.78
C LEU E 20 -34.98 16.39 14.91
N ARG E 21 -33.70 16.62 14.60
CA ARG E 21 -32.62 16.65 15.59
C ARG E 21 -32.48 15.33 16.33
N VAL E 22 -32.22 14.25 15.61
CA VAL E 22 -31.93 12.97 16.22
C VAL E 22 -30.42 12.73 16.34
N GLU E 23 -29.61 13.41 15.53
CA GLU E 23 -28.15 13.29 15.63
C GLU E 23 -27.66 13.65 17.03
N SER E 24 -28.41 14.50 17.73
CA SER E 24 -28.07 14.90 19.09
C SER E 24 -28.01 13.69 20.01
N SER E 25 -28.92 12.74 19.82
CA SER E 25 -28.90 11.48 20.54
C SER E 25 -28.13 10.47 19.70
N SER E 26 -26.87 10.24 20.07
CA SER E 26 -26.01 9.36 19.29
C SER E 26 -26.53 7.92 19.31
N LYS E 27 -27.08 7.48 20.45
CA LYS E 27 -27.55 6.11 20.56
C LYS E 27 -28.77 5.87 19.67
N LEU E 28 -29.63 6.88 19.52
CA LEU E 28 -30.74 6.76 18.58
C LEU E 28 -30.24 6.84 17.14
N TRP E 29 -29.31 7.76 16.87
CA TRP E 29 -28.85 7.94 15.49
C TRP E 29 -28.17 6.68 14.97
N ALA E 30 -27.40 6.01 15.82
CA ALA E 30 -26.71 4.80 15.40
C ALA E 30 -27.70 3.72 14.96
N GLN E 31 -28.74 3.50 15.76
CA GLN E 31 -29.72 2.47 15.41
C GLN E 31 -30.52 2.86 14.17
N CYS E 32 -30.87 4.15 14.05
CA CYS E 32 -31.59 4.59 12.85
C CYS E 32 -30.75 4.38 11.60
N VAL E 33 -29.45 4.74 11.67
CA VAL E 33 -28.56 4.56 10.53
C VAL E 33 -28.42 3.08 10.19
N GLN E 34 -28.29 2.25 11.22
CA GLN E 34 -28.09 0.80 10.98
C GLN E 34 -29.34 0.19 10.33
N LEU E 35 -30.53 0.57 10.80
CA LEU E 35 -31.76 0.09 10.18
C LEU E 35 -31.89 0.57 8.74
N HIS E 36 -31.58 1.84 8.50
CA HIS E 36 -31.66 2.38 7.14
C HIS E 36 -30.73 1.64 6.19
N ASN E 37 -29.49 1.41 6.62
CA ASN E 37 -28.54 0.70 5.77
C ASN E 37 -28.98 -0.74 5.53
N ASP E 38 -29.56 -1.38 6.53
CA ASP E 38 -29.95 -2.80 6.35
C ASP E 38 -31.15 -2.86 5.39
N ILE E 39 -32.07 -1.88 5.47
CA ILE E 39 -33.17 -1.86 4.53
C ILE E 39 -32.67 -1.65 3.12
N LEU E 40 -31.77 -0.68 2.93
CA LEU E 40 -31.25 -0.40 1.59
C LEU E 40 -30.44 -1.57 1.04
N LEU E 41 -29.83 -2.37 1.90
CA LEU E 41 -29.11 -3.56 1.45
C LEU E 41 -29.95 -4.83 1.41
N ALA E 42 -31.20 -4.77 1.85
CA ALA E 42 -32.04 -5.96 1.89
C ALA E 42 -32.35 -6.45 0.47
N LYS E 43 -32.86 -7.68 0.40
CA LYS E 43 -33.19 -8.31 -0.87
C LYS E 43 -34.66 -8.71 -0.98
N ASP E 44 -35.25 -9.25 0.09
CA ASP E 44 -36.63 -9.71 0.06
C ASP E 44 -37.51 -8.79 0.90
N THR E 45 -38.80 -8.78 0.55
CA THR E 45 -39.74 -7.89 1.21
C THR E 45 -39.98 -8.23 2.67
N THR E 46 -39.69 -9.48 3.08
CA THR E 46 -40.06 -9.91 4.43
C THR E 46 -39.29 -9.13 5.49
N GLU E 47 -37.97 -9.10 5.39
CA GLU E 47 -37.17 -8.41 6.40
C GLU E 47 -37.22 -6.89 6.23
N ALA E 48 -37.38 -6.42 4.99
CA ALA E 48 -37.47 -4.99 4.76
C ALA E 48 -38.70 -4.40 5.44
N PHE E 49 -39.83 -5.11 5.39
CA PHE E 49 -41.02 -4.64 6.09
C PHE E 49 -40.79 -4.54 7.60
N GLU E 50 -40.12 -5.55 8.17
CA GLU E 50 -39.91 -5.56 9.62
C GLU E 50 -38.98 -4.43 10.05
N LYS E 51 -37.86 -4.26 9.33
CA LYS E 51 -36.98 -3.16 9.67
C LYS E 51 -37.63 -1.81 9.39
N MET E 52 -38.51 -1.74 8.39
CA MET E 52 -39.20 -0.49 8.09
C MET E 52 -40.17 -0.10 9.20
N VAL E 53 -40.95 -1.06 9.70
CA VAL E 53 -41.86 -0.74 10.79
C VAL E 53 -41.08 -0.46 12.07
N SER E 54 -39.92 -1.12 12.25
CA SER E 54 -39.07 -0.80 13.38
C SER E 54 -38.56 0.64 13.31
N LEU E 55 -38.15 1.08 12.12
CA LEU E 55 -37.69 2.46 11.96
C LEU E 55 -38.85 3.45 12.13
N LEU E 56 -40.04 3.08 11.66
CA LEU E 56 -41.20 3.96 11.79
C LEU E 56 -41.66 4.10 13.23
N SER E 57 -41.45 3.06 14.05
CA SER E 57 -41.80 3.17 15.46
C SER E 57 -41.02 4.27 16.16
N VAL E 58 -39.79 4.53 15.73
CA VAL E 58 -39.00 5.61 16.30
C VAL E 58 -39.67 6.95 16.04
N LEU E 59 -40.15 7.17 14.81
CA LEU E 59 -40.87 8.40 14.51
C LEU E 59 -42.17 8.49 15.29
N LEU E 60 -42.89 7.36 15.41
CA LEU E 60 -44.14 7.37 16.16
C LEU E 60 -43.91 7.67 17.63
N SER E 61 -42.74 7.31 18.16
CA SER E 61 -42.43 7.59 19.56
C SER E 61 -42.16 9.06 19.83
N MET E 62 -42.04 9.88 18.79
CA MET E 62 -41.82 11.31 18.97
C MET E 62 -42.73 12.12 18.06
ZN ZN F . 23.37 4.94 -1.19
ZN ZN G . 13.73 20.62 -11.79
#